data_8IK6
#
_entry.id   8IK6
#
_cell.length_a   187.805
_cell.length_b   187.805
_cell.length_c   141.857
_cell.angle_alpha   90.000
_cell.angle_beta   90.000
_cell.angle_gamma   120.000
#
_symmetry.space_group_name_H-M   'P 64 2 2'
#
loop_
_entity.id
_entity.type
_entity.pdbx_description
1 polymer 'E3 ubiquitin-protein ligase parkin'
2 polymer Ubiquitin
3 non-polymer 'ZINC ION'
4 non-polymer 'SULFATE ION'
5 water water
#
loop_
_entity_poly.entity_id
_entity_poly.type
_entity_poly.pdbx_seq_one_letter_code
_entity_poly.pdbx_strand_id
1 'polypeptide(L)'
;GPSIYNSFYVYCKGPCQRVQPGKLRVQCSTCRQATLTLTQGPSCWDDVLIPNRMSGECQSPHCPGTSAEFFFKCGAHPTS
DKETSVALHLIATNSRNITCITCTDVRSPVLVFQCNSRHVICLDCFHLYCVTRLNDRQFVHDPQLGYSLPCVAGCPNSLI
KELHHFRILGEEQYNRYQQYGAEECVLQMGGVLCPRPGCGAGLLPEPDCRKVTCEGGNGLGCGFAFCRECKEAYHEGECS
AVFENLYFQSQAYRVDERAAEQARWEAASKETIKKTTKPCPRCHVPVEKNGGCMHMKCPQPQCRLEWCWNCGCEWNRVCM
GDHWFDV
;
C,A
2 'polypeptide(L)' MQIFVKTLTGKTITLEVEPSDTIENVKAKIQDKEGIPPDQQRLIFAGKQLEDGRTLSDYNIQKE(SEP)TLHLVLRLRG D,B
#
loop_
_chem_comp.id
_chem_comp.type
_chem_comp.name
_chem_comp.formula
SO4 non-polymer 'SULFATE ION' 'O4 S -2'
ZN non-polymer 'ZINC ION' 'Zn 2'
#
# COMPACT_ATOMS: atom_id res chain seq x y z
N GLY A 1 1.57 4.34 18.74
CA GLY A 1 2.48 4.02 17.61
C GLY A 1 2.21 4.88 16.38
N PRO A 2 2.97 4.71 15.28
CA PRO A 2 2.74 5.45 14.04
C PRO A 2 1.78 4.73 13.10
N SER A 3 0.70 5.42 12.71
CA SER A 3 -0.34 4.85 11.86
C SER A 3 0.24 4.40 10.51
N ILE A 4 -0.43 3.43 9.89
CA ILE A 4 0.00 2.88 8.61
C ILE A 4 -0.73 3.58 7.47
N TYR A 5 -0.89 4.91 7.60
CA TYR A 5 -1.31 5.74 6.49
C TYR A 5 -0.08 6.11 5.67
N ASN A 6 -0.21 6.08 4.33
CA ASN A 6 0.88 6.47 3.44
C ASN A 6 0.35 7.39 2.36
N SER A 7 1.18 8.36 1.94
CA SER A 7 0.80 9.38 0.99
C SER A 7 1.62 9.23 -0.28
N PHE A 8 2.71 8.46 -0.18
CA PHE A 8 3.69 8.39 -1.26
C PHE A 8 3.59 7.04 -1.95
N TYR A 9 3.51 7.08 -3.28
CA TYR A 9 3.47 5.87 -4.09
C TYR A 9 4.59 5.88 -5.12
N VAL A 10 5.22 4.72 -5.32
CA VAL A 10 6.28 4.55 -6.29
C VAL A 10 5.91 3.40 -7.22
N TYR A 11 6.82 3.07 -8.13
CA TYR A 11 6.73 1.83 -8.89
C TYR A 11 7.96 0.97 -8.59
N CYS A 12 7.70 -0.16 -7.91
CA CYS A 12 8.69 -1.20 -7.63
C CYS A 12 8.91 -2.00 -8.90
N LYS A 13 10.19 -2.16 -9.30
CA LYS A 13 10.51 -2.93 -10.49
C LYS A 13 10.74 -4.40 -10.12
N GLY A 14 11.33 -4.62 -8.94
CA GLY A 14 11.56 -5.96 -8.42
C GLY A 14 11.38 -5.99 -6.91
N PRO A 15 10.67 -7.00 -6.37
CA PRO A 15 9.99 -8.01 -7.18
C PRO A 15 8.50 -7.72 -7.37
N CYS A 16 8.05 -6.53 -6.94
CA CYS A 16 6.63 -6.21 -6.92
C CYS A 16 6.10 -5.99 -8.34
N GLN A 17 6.96 -5.50 -9.24
CA GLN A 17 6.62 -5.24 -10.63
C GLN A 17 5.25 -4.59 -10.75
N ARG A 18 4.92 -3.73 -9.77
CA ARG A 18 3.66 -3.00 -9.73
C ARG A 18 3.85 -1.72 -8.91
N VAL A 19 2.79 -0.91 -8.83
CA VAL A 19 2.79 0.30 -8.04
C VAL A 19 2.47 -0.05 -6.59
N GLN A 20 3.40 0.27 -5.68
CA GLN A 20 3.25 0.05 -4.25
C GLN A 20 3.39 1.37 -3.51
N PRO A 21 2.94 1.47 -2.23
CA PRO A 21 3.25 2.64 -1.39
C PRO A 21 4.75 2.78 -1.16
N GLY A 22 5.18 4.03 -0.95
CA GLY A 22 6.59 4.36 -0.94
C GLY A 22 7.06 4.94 0.39
N LYS A 23 8.38 4.88 0.60
CA LYS A 23 9.05 5.45 1.75
C LYS A 23 9.84 6.69 1.31
N LEU A 24 9.69 7.79 2.05
CA LEU A 24 10.46 9.00 1.81
C LEU A 24 11.70 9.01 2.70
N ARG A 25 12.83 9.40 2.10
CA ARG A 25 14.13 9.43 2.76
C ARG A 25 14.80 10.75 2.40
N VAL A 26 15.87 11.12 3.13
CA VAL A 26 16.51 12.40 2.93
C VAL A 26 17.99 12.32 3.31
N GLN A 27 18.80 13.21 2.72
CA GLN A 27 20.23 13.23 2.95
C GLN A 27 20.80 14.61 2.60
N CYS A 28 22.02 14.85 3.08
CA CYS A 28 22.82 15.97 2.63
C CYS A 28 23.22 15.70 1.18
N SER A 29 22.84 16.62 0.30
CA SER A 29 23.07 16.48 -1.13
C SER A 29 24.56 16.42 -1.43
N THR A 30 25.37 16.85 -0.46
CA THR A 30 26.81 16.95 -0.62
C THR A 30 27.49 15.64 -0.19
N CYS A 31 27.24 15.16 1.04
CA CYS A 31 27.91 13.96 1.52
C CYS A 31 27.12 12.69 1.22
N ARG A 32 25.87 12.85 0.76
CA ARG A 32 25.00 11.72 0.46
C ARG A 32 24.82 10.88 1.72
N GLN A 33 24.96 11.54 2.88
CA GLN A 33 24.79 10.92 4.19
C GLN A 33 23.50 11.43 4.82
N ALA A 34 23.05 10.73 5.88
CA ALA A 34 21.77 10.99 6.51
C ALA A 34 21.90 12.07 7.58
N THR A 35 22.66 13.13 7.27
CA THR A 35 23.09 14.06 8.30
C THR A 35 22.41 15.44 8.13
N LEU A 36 21.61 15.59 7.07
CA LEU A 36 20.97 16.88 6.83
C LEU A 36 19.84 17.08 7.85
N THR A 37 19.93 18.16 8.61
CA THR A 37 18.89 18.57 9.54
C THR A 37 18.07 19.69 8.92
N LEU A 38 16.87 19.33 8.44
CA LEU A 38 16.03 20.21 7.65
C LEU A 38 15.57 21.39 8.49
N THR A 39 15.58 22.58 7.86
CA THR A 39 15.12 23.81 8.50
C THR A 39 13.61 23.72 8.76
N GLN A 40 12.86 23.38 7.70
CA GLN A 40 11.43 23.10 7.77
C GLN A 40 11.16 21.88 6.90
N GLY A 41 10.42 20.90 7.46
CA GLY A 41 10.05 19.70 6.74
C GLY A 41 9.25 20.00 5.47
N PRO A 42 9.23 19.08 4.48
CA PRO A 42 8.52 19.34 3.22
C PRO A 42 7.01 19.41 3.43
N SER A 43 6.35 20.26 2.63
CA SER A 43 4.91 20.49 2.74
C SER A 43 4.20 20.11 1.45
N CYS A 44 4.85 20.39 0.31
CA CYS A 44 4.32 20.00 -0.99
C CYS A 44 5.25 18.98 -1.63
N TRP A 45 4.85 18.49 -2.81
CA TRP A 45 5.67 17.59 -3.60
C TRP A 45 6.88 18.35 -4.14
N ASP A 46 6.66 19.62 -4.50
CA ASP A 46 7.70 20.44 -5.10
C ASP A 46 8.96 20.41 -4.22
N ASP A 47 8.75 20.31 -2.91
CA ASP A 47 9.83 20.31 -1.94
C ASP A 47 10.69 19.06 -2.08
N VAL A 48 10.07 17.94 -2.48
CA VAL A 48 10.79 16.67 -2.50
C VAL A 48 11.19 16.30 -3.92
N LEU A 49 10.91 17.19 -4.89
CA LEU A 49 11.21 16.89 -6.27
C LEU A 49 12.23 17.89 -6.81
N ILE A 50 11.97 19.19 -6.61
CA ILE A 50 12.87 20.23 -7.07
C ILE A 50 14.16 20.13 -6.27
N PRO A 51 15.33 19.99 -6.92
CA PRO A 51 16.59 19.78 -6.21
C PRO A 51 17.06 21.06 -5.54
N ASN A 52 17.85 20.90 -4.48
CA ASN A 52 18.42 22.00 -3.72
C ASN A 52 17.33 22.98 -3.29
N ARG A 53 16.08 22.51 -3.25
CA ARG A 53 14.97 23.37 -2.89
C ARG A 53 14.82 23.43 -1.37
N MET A 54 15.13 22.31 -0.70
CA MET A 54 15.02 22.25 0.74
C MET A 54 16.40 22.47 1.36
N SER A 55 16.45 23.37 2.36
CA SER A 55 17.70 23.79 2.98
C SER A 55 17.79 23.31 4.42
N GLY A 56 19.03 23.21 4.92
CA GLY A 56 19.33 22.82 6.29
C GLY A 56 20.82 22.88 6.57
N GLU A 57 21.29 22.08 7.52
CA GLU A 57 22.72 22.00 7.81
C GLU A 57 23.12 20.54 8.02
N CYS A 58 24.07 20.10 7.21
CA CYS A 58 24.66 18.78 7.34
C CYS A 58 25.47 18.74 8.64
N GLN A 59 25.30 17.66 9.41
CA GLN A 59 25.84 17.58 10.75
C GLN A 59 27.28 17.08 10.72
N SER A 60 27.75 16.62 9.56
CA SER A 60 29.15 16.24 9.41
C SER A 60 30.02 17.49 9.38
N PRO A 61 31.17 17.48 10.09
CA PRO A 61 32.11 18.61 10.04
C PRO A 61 32.83 18.79 8.71
N HIS A 62 32.81 17.74 7.87
CA HIS A 62 33.59 17.76 6.63
C HIS A 62 32.78 18.33 5.47
N CYS A 63 31.45 18.31 5.61
CA CYS A 63 30.55 18.78 4.59
C CYS A 63 30.36 20.29 4.71
N PRO A 64 30.26 21.05 3.59
CA PRO A 64 29.72 22.40 3.62
C PRO A 64 28.24 22.43 3.25
N GLY A 65 27.59 21.26 3.34
CA GLY A 65 26.28 21.00 2.77
C GLY A 65 25.17 21.85 3.40
N THR A 66 24.27 22.34 2.55
CA THR A 66 23.22 23.26 2.94
C THR A 66 21.90 22.88 2.26
N SER A 67 21.93 21.79 1.48
CA SER A 67 20.78 21.37 0.71
C SER A 67 20.46 19.90 0.96
N ALA A 68 19.15 19.58 0.89
CA ALA A 68 18.63 18.25 1.16
C ALA A 68 18.26 17.56 -0.15
N GLU A 69 18.59 16.26 -0.22
CA GLU A 69 18.25 15.42 -1.36
C GLU A 69 17.25 14.36 -0.91
N PHE A 70 16.12 14.28 -1.63
CA PHE A 70 15.04 13.37 -1.27
C PHE A 70 15.01 12.18 -2.22
N PHE A 71 15.02 10.98 -1.66
CA PHE A 71 14.88 9.77 -2.45
C PHE A 71 13.70 8.95 -1.91
N PHE A 72 13.13 8.10 -2.78
CA PHE A 72 12.01 7.25 -2.41
C PHE A 72 12.39 5.79 -2.60
N LYS A 73 11.89 4.94 -1.68
CA LYS A 73 12.06 3.51 -1.75
C LYS A 73 10.69 2.85 -1.63
N CYS A 74 10.63 1.54 -1.91
CA CYS A 74 9.43 0.75 -1.73
C CYS A 74 8.96 0.78 -0.28
N GLY A 75 7.70 0.43 -0.08
CA GLY A 75 7.14 0.26 1.26
C GLY A 75 6.46 -1.08 1.42
N ALA A 76 7.14 -2.15 1.00
CA ALA A 76 6.54 -3.47 0.96
C ALA A 76 7.57 -4.59 1.17
N HIS A 77 8.87 -4.25 1.12
CA HIS A 77 9.93 -5.23 1.29
C HIS A 77 11.19 -4.58 1.85
N PRO A 78 12.13 -5.38 2.41
CA PRO A 78 13.43 -4.85 2.82
C PRO A 78 14.15 -4.21 1.64
N THR A 79 14.32 -2.89 1.71
CA THR A 79 14.90 -2.13 0.61
C THR A 79 16.36 -1.79 0.96
N SER A 80 17.27 -2.20 0.07
CA SER A 80 18.67 -1.81 0.15
C SER A 80 18.79 -0.30 -0.04
N ASP A 81 19.90 0.28 0.42
CA ASP A 81 20.12 1.72 0.41
C ASP A 81 20.22 2.21 -1.04
N LYS A 82 20.41 1.27 -1.97
CA LYS A 82 20.62 1.54 -3.38
C LYS A 82 19.30 1.49 -4.15
N GLU A 83 18.34 0.71 -3.63
CA GLU A 83 17.07 0.45 -4.30
C GLU A 83 16.15 1.66 -4.16
N THR A 84 16.28 2.61 -5.08
CA THR A 84 15.37 3.73 -5.18
C THR A 84 14.39 3.48 -6.32
N SER A 85 13.09 3.65 -6.02
CA SER A 85 12.03 3.57 -7.00
C SER A 85 11.61 4.97 -7.41
N VAL A 86 11.14 5.11 -8.65
CA VAL A 86 10.66 6.40 -9.13
C VAL A 86 9.32 6.70 -8.46
N ALA A 87 9.21 7.90 -7.90
CA ALA A 87 8.01 8.32 -7.20
C ALA A 87 7.03 8.94 -8.20
N LEU A 88 5.86 8.32 -8.30
CA LEU A 88 4.78 8.88 -9.09
C LEU A 88 3.98 9.84 -8.22
N HIS A 89 4.11 11.14 -8.53
CA HIS A 89 3.77 12.20 -7.59
C HIS A 89 2.34 12.70 -7.81
N LEU A 90 1.66 12.16 -8.81
CA LEU A 90 0.28 12.55 -9.09
C LEU A 90 -0.68 11.64 -8.34
N ILE A 91 -0.18 10.47 -7.94
CA ILE A 91 -0.97 9.50 -7.20
C ILE A 91 -1.05 9.95 -5.74
N ALA A 92 -2.27 9.90 -5.20
CA ALA A 92 -2.54 10.28 -3.82
C ALA A 92 -3.64 9.39 -3.22
N THR A 93 -3.58 9.20 -1.90
CA THR A 93 -4.61 8.51 -1.14
C THR A 93 -5.86 9.37 -1.12
N ASN A 94 -7.01 8.77 -1.43
CA ASN A 94 -8.26 9.49 -1.55
C ASN A 94 -8.90 9.61 -0.17
N SER A 95 -8.29 10.44 0.68
CA SER A 95 -8.82 10.73 2.01
C SER A 95 -10.07 11.59 1.88
N ARG A 96 -10.11 12.40 0.82
CA ARG A 96 -11.17 13.35 0.56
C ARG A 96 -12.43 12.65 0.04
N ASN A 97 -12.25 11.41 -0.44
CA ASN A 97 -13.32 10.58 -0.98
C ASN A 97 -13.95 11.29 -2.19
N ILE A 98 -13.20 11.30 -3.30
CA ILE A 98 -13.67 11.89 -4.55
C ILE A 98 -13.90 10.76 -5.56
N THR A 99 -14.42 11.15 -6.74
CA THR A 99 -14.94 10.22 -7.70
C THR A 99 -14.09 10.22 -8.97
N CYS A 100 -13.59 9.04 -9.32
CA CYS A 100 -13.01 8.79 -10.64
C CYS A 100 -13.89 9.51 -11.67
N ILE A 101 -13.25 10.34 -12.50
CA ILE A 101 -13.97 11.17 -13.45
C ILE A 101 -14.60 10.28 -14.52
N THR A 102 -13.94 9.15 -14.82
CA THR A 102 -14.42 8.22 -15.82
C THR A 102 -15.47 7.29 -15.23
N CYS A 103 -15.29 6.87 -13.97
CA CYS A 103 -16.08 5.76 -13.47
C CYS A 103 -17.00 6.15 -12.31
N THR A 104 -16.90 7.37 -11.80
CA THR A 104 -17.84 7.94 -10.85
C THR A 104 -17.99 7.07 -9.59
N ASP A 105 -16.87 6.47 -9.16
CA ASP A 105 -16.83 5.71 -7.92
C ASP A 105 -15.73 6.27 -7.02
N VAL A 106 -15.91 6.12 -5.71
CA VAL A 106 -14.86 6.43 -4.76
C VAL A 106 -13.88 5.26 -4.75
N ARG A 107 -12.68 5.51 -5.28
CA ARG A 107 -11.60 4.52 -5.24
C ARG A 107 -10.36 5.19 -4.65
N SER A 108 -9.37 4.37 -4.26
CA SER A 108 -8.12 4.87 -3.70
C SER A 108 -7.02 3.82 -3.86
N PRO A 109 -5.78 4.20 -4.26
CA PRO A 109 -5.44 5.59 -4.53
C PRO A 109 -5.89 6.09 -5.90
N VAL A 110 -5.79 7.41 -6.11
CA VAL A 110 -6.23 8.06 -7.33
C VAL A 110 -5.07 8.88 -7.91
N LEU A 111 -5.20 9.25 -9.18
CA LEU A 111 -4.25 10.14 -9.83
C LEU A 111 -4.92 11.50 -10.05
N VAL A 112 -4.30 12.54 -9.48
CA VAL A 112 -4.78 13.90 -9.62
C VAL A 112 -3.98 14.59 -10.72
N PHE A 113 -4.70 15.02 -11.77
CA PHE A 113 -4.14 15.74 -12.90
C PHE A 113 -3.78 17.16 -12.48
N GLN A 114 -2.81 17.75 -13.19
CA GLN A 114 -2.35 19.08 -12.88
C GLN A 114 -3.15 20.13 -13.65
N CYS A 115 -4.29 19.69 -14.20
CA CYS A 115 -5.21 20.61 -14.85
C CYS A 115 -5.70 21.64 -13.84
N ASN A 116 -6.27 22.75 -14.35
CA ASN A 116 -6.60 23.91 -13.55
C ASN A 116 -7.60 23.56 -12.44
N SER A 117 -8.36 22.46 -12.62
CA SER A 117 -9.39 22.08 -11.67
C SER A 117 -8.90 21.00 -10.71
N ARG A 118 -7.62 20.61 -10.86
CA ARG A 118 -7.01 19.47 -10.16
C ARG A 118 -8.00 18.31 -10.12
N HIS A 119 -8.21 17.71 -11.30
CA HIS A 119 -9.13 16.60 -11.51
C HIS A 119 -8.57 15.32 -10.92
N VAL A 120 -9.48 14.44 -10.50
CA VAL A 120 -9.08 13.15 -9.95
C VAL A 120 -9.62 12.05 -10.85
N ILE A 121 -8.74 11.10 -11.17
CA ILE A 121 -9.12 9.85 -11.81
C ILE A 121 -8.49 8.72 -11.01
N CYS A 122 -9.19 7.57 -10.95
CA CYS A 122 -8.63 6.41 -10.29
C CYS A 122 -7.68 5.70 -11.26
N LEU A 123 -6.83 4.82 -10.72
CA LEU A 123 -5.72 4.25 -11.48
C LEU A 123 -6.24 3.29 -12.55
N ASP A 124 -7.38 2.64 -12.26
CA ASP A 124 -7.99 1.68 -13.16
C ASP A 124 -8.47 2.38 -14.43
N CYS A 125 -9.20 3.49 -14.24
CA CYS A 125 -9.70 4.28 -15.35
C CYS A 125 -8.53 4.90 -16.11
N PHE A 126 -7.57 5.44 -15.35
CA PHE A 126 -6.38 6.02 -15.92
C PHE A 126 -5.70 5.00 -16.84
N HIS A 127 -5.67 3.74 -16.40
CA HIS A 127 -5.10 2.66 -17.19
C HIS A 127 -5.80 2.58 -18.54
N LEU A 128 -7.14 2.53 -18.51
CA LEU A 128 -7.93 2.40 -19.72
C LEU A 128 -7.71 3.61 -20.61
N TYR A 129 -7.59 4.78 -19.99
CA TYR A 129 -7.37 6.04 -20.68
C TYR A 129 -6.06 5.96 -21.48
N CYS A 130 -5.02 5.39 -20.86
CA CYS A 130 -3.70 5.34 -21.46
C CYS A 130 -3.66 4.25 -22.54
N VAL A 131 -4.41 3.17 -22.30
CA VAL A 131 -4.39 2.01 -23.18
C VAL A 131 -5.05 2.36 -24.51
N THR A 132 -6.22 3.01 -24.44
CA THR A 132 -6.95 3.43 -25.64
C THR A 132 -6.10 4.43 -26.42
N ARG A 133 -5.61 5.45 -25.70
CA ARG A 133 -4.92 6.58 -26.30
C ARG A 133 -3.60 6.14 -26.94
N LEU A 134 -2.85 5.27 -26.24
CA LEU A 134 -1.52 4.88 -26.71
C LEU A 134 -1.61 4.18 -28.05
N ASN A 135 -2.55 3.22 -28.16
CA ASN A 135 -2.70 2.34 -29.30
C ASN A 135 -3.35 3.08 -30.46
N ASP A 136 -4.19 4.08 -30.13
CA ASP A 136 -4.85 4.96 -31.08
C ASP A 136 -3.91 6.09 -31.48
N ARG A 137 -2.63 5.98 -31.11
CA ARG A 137 -1.58 6.94 -31.45
C ARG A 137 -2.04 8.36 -31.12
N GLN A 138 -2.89 8.48 -30.08
CA GLN A 138 -3.45 9.76 -29.68
C GLN A 138 -2.74 10.29 -28.45
N PHE A 139 -1.50 9.81 -28.23
CA PHE A 139 -0.59 10.39 -27.28
C PHE A 139 0.07 11.61 -27.92
N VAL A 140 0.18 12.69 -27.13
CA VAL A 140 0.81 13.93 -27.55
C VAL A 140 2.32 13.71 -27.64
N HIS A 141 2.97 14.40 -28.58
CA HIS A 141 4.42 14.44 -28.63
C HIS A 141 4.90 15.89 -28.63
N ASP A 142 5.14 16.42 -27.43
CA ASP A 142 5.83 17.69 -27.28
C ASP A 142 7.33 17.41 -27.23
N PRO A 143 8.12 17.89 -28.22
CA PRO A 143 9.53 17.51 -28.34
C PRO A 143 10.35 17.90 -27.12
N GLN A 144 9.76 18.76 -26.27
CA GLN A 144 10.44 19.30 -25.11
C GLN A 144 10.08 18.50 -23.86
N LEU A 145 9.08 17.63 -23.99
CA LEU A 145 8.66 16.79 -22.87
C LEU A 145 8.85 15.32 -23.22
N GLY A 146 8.26 14.91 -24.35
CA GLY A 146 8.21 13.52 -24.76
C GLY A 146 6.79 13.08 -25.09
N TYR A 147 6.55 11.77 -25.05
CA TYR A 147 5.24 11.20 -25.33
C TYR A 147 4.41 11.21 -24.05
N SER A 148 3.29 11.95 -24.06
CA SER A 148 2.47 12.11 -22.86
C SER A 148 1.01 12.32 -23.19
N LEU A 149 0.20 12.50 -22.13
CA LEU A 149 -1.23 12.73 -22.23
C LEU A 149 -1.61 13.88 -21.30
N PRO A 150 -2.62 14.72 -21.67
CA PRO A 150 -3.16 15.71 -20.75
C PRO A 150 -4.31 15.17 -19.90
N CYS A 151 -5.03 16.11 -19.26
CA CYS A 151 -6.24 15.79 -18.52
C CYS A 151 -7.19 15.01 -19.43
N VAL A 152 -7.77 13.94 -18.88
CA VAL A 152 -8.74 13.12 -19.60
C VAL A 152 -9.85 14.04 -20.10
N ALA A 153 -10.23 14.99 -19.23
CA ALA A 153 -11.29 15.96 -19.51
C ALA A 153 -10.85 16.97 -20.57
N GLY A 154 -9.58 16.88 -20.98
CA GLY A 154 -9.07 17.71 -22.07
C GLY A 154 -8.69 19.11 -21.59
N CYS A 155 -8.62 19.30 -20.27
CA CYS A 155 -8.16 20.55 -19.67
C CYS A 155 -6.85 20.97 -20.33
N PRO A 156 -6.56 22.29 -20.43
CA PRO A 156 -5.28 22.76 -20.98
C PRO A 156 -4.20 22.93 -19.93
N ASN A 157 -2.94 22.77 -20.37
CA ASN A 157 -1.74 22.90 -19.55
C ASN A 157 -1.68 21.80 -18.50
N SER A 158 -2.02 20.58 -18.88
CA SER A 158 -2.18 19.51 -17.91
C SER A 158 -1.33 18.29 -18.27
N LEU A 159 -0.64 18.35 -19.42
CA LEU A 159 0.21 17.27 -19.87
C LEU A 159 1.03 16.74 -18.70
N ILE A 160 1.05 15.41 -18.56
CA ILE A 160 1.79 14.74 -17.50
C ILE A 160 3.28 14.97 -17.72
N LYS A 161 3.94 15.56 -16.71
CA LYS A 161 5.34 15.92 -16.81
C LYS A 161 6.22 14.72 -16.49
N GLU A 162 5.93 14.02 -15.38
CA GLU A 162 6.70 12.83 -15.02
C GLU A 162 6.19 11.63 -15.81
N LEU A 163 6.96 11.25 -16.83
CA LEU A 163 6.51 10.29 -17.83
C LEU A 163 6.58 8.86 -17.31
N HIS A 164 7.03 8.70 -16.05
CA HIS A 164 7.11 7.39 -15.43
C HIS A 164 5.75 6.95 -14.92
N HIS A 165 4.81 7.91 -14.86
CA HIS A 165 3.42 7.63 -14.53
C HIS A 165 2.82 6.65 -15.53
N PHE A 166 3.47 6.48 -16.68
CA PHE A 166 2.95 5.62 -17.73
C PHE A 166 3.40 4.17 -17.52
N ARG A 167 3.88 3.86 -16.31
CA ARG A 167 4.16 2.49 -15.93
C ARG A 167 2.85 1.81 -15.52
N ILE A 168 1.80 2.64 -15.36
CA ILE A 168 0.45 2.18 -15.05
C ILE A 168 -0.12 1.43 -16.26
N LEU A 169 0.61 1.49 -17.38
CA LEU A 169 0.25 0.75 -18.58
C LEU A 169 0.44 -0.75 -18.36
N GLY A 170 1.33 -1.11 -17.44
CA GLY A 170 1.78 -2.49 -17.33
C GLY A 170 2.93 -2.73 -18.31
N GLU A 171 3.73 -3.75 -18.01
CA GLU A 171 5.06 -3.88 -18.58
C GLU A 171 5.01 -3.98 -20.11
N GLU A 172 4.05 -4.74 -20.64
CA GLU A 172 3.90 -4.92 -22.07
C GLU A 172 3.54 -3.60 -22.73
N GLN A 173 2.51 -2.93 -22.18
CA GLN A 173 1.98 -1.70 -22.76
C GLN A 173 2.94 -0.54 -22.54
N TYR A 174 3.66 -0.55 -21.42
CA TYR A 174 4.66 0.47 -21.13
C TYR A 174 5.81 0.37 -22.11
N ASN A 175 6.28 -0.87 -22.36
CA ASN A 175 7.37 -1.10 -23.29
C ASN A 175 6.98 -0.62 -24.69
N ARG A 176 5.69 -0.78 -25.02
CA ARG A 176 5.14 -0.32 -26.29
C ARG A 176 5.19 1.20 -26.35
N TYR A 177 4.77 1.83 -25.24
CA TYR A 177 4.74 3.27 -25.09
C TYR A 177 6.13 3.84 -25.34
N GLN A 178 7.15 3.09 -24.90
CA GLN A 178 8.55 3.45 -25.09
C GLN A 178 8.89 3.41 -26.58
N GLN A 179 8.36 2.40 -27.27
CA GLN A 179 8.59 2.23 -28.70
C GLN A 179 7.79 3.29 -29.46
N TYR A 180 6.49 3.37 -29.16
CA TYR A 180 5.55 4.27 -29.82
C TYR A 180 6.03 5.72 -29.71
N GLY A 181 6.59 6.07 -28.55
CA GLY A 181 7.12 7.40 -28.30
C GLY A 181 8.31 7.71 -29.21
N ALA A 182 9.23 6.73 -29.32
CA ALA A 182 10.42 6.86 -30.14
C ALA A 182 10.03 6.94 -31.61
N GLU A 183 9.08 6.09 -32.02
CA GLU A 183 8.57 6.07 -33.38
C GLU A 183 8.08 7.46 -33.74
N GLU A 184 7.15 7.97 -32.92
CA GLU A 184 6.46 9.22 -33.17
C GLU A 184 7.46 10.38 -33.12
N CYS A 185 8.50 10.23 -32.32
CA CYS A 185 9.52 11.27 -32.17
C CYS A 185 10.24 11.47 -33.50
N VAL A 186 10.54 10.37 -34.20
CA VAL A 186 11.28 10.43 -35.45
C VAL A 186 10.40 11.04 -36.53
N LEU A 187 9.13 10.59 -36.58
CA LEU A 187 8.21 11.00 -37.64
C LEU A 187 7.96 12.50 -37.57
N GLN A 188 7.68 12.99 -36.36
CA GLN A 188 7.29 14.38 -36.15
C GLN A 188 8.51 15.30 -36.22
N MET A 189 9.70 14.68 -36.13
CA MET A 189 10.97 15.36 -36.33
C MET A 189 11.19 15.58 -37.82
N GLY A 190 10.35 14.93 -38.65
CA GLY A 190 10.52 14.96 -40.10
C GLY A 190 11.40 13.81 -40.58
N GLY A 191 11.87 12.99 -39.63
CA GLY A 191 12.62 11.79 -39.93
C GLY A 191 11.70 10.65 -40.36
N VAL A 192 12.32 9.56 -40.83
CA VAL A 192 11.58 8.41 -41.36
C VAL A 192 12.10 7.15 -40.69
N LEU A 193 11.26 6.12 -40.68
CA LEU A 193 11.67 4.77 -40.31
C LEU A 193 11.85 3.98 -41.60
N CYS A 194 12.61 2.88 -41.51
CA CYS A 194 12.79 1.98 -42.64
C CYS A 194 11.42 1.49 -43.10
N PRO A 195 11.14 1.51 -44.43
CA PRO A 195 9.91 0.94 -44.94
C PRO A 195 9.99 -0.57 -45.14
N ARG A 196 11.22 -1.10 -45.19
CA ARG A 196 11.47 -2.53 -45.34
C ARG A 196 10.93 -3.27 -44.12
N PRO A 197 10.26 -4.43 -44.32
CA PRO A 197 9.74 -5.23 -43.21
C PRO A 197 10.82 -5.96 -42.42
N GLY A 198 10.79 -5.81 -41.09
CA GLY A 198 11.77 -6.41 -40.20
C GLY A 198 12.93 -5.47 -39.90
N CYS A 199 12.82 -4.22 -40.36
CA CYS A 199 13.85 -3.22 -40.18
C CYS A 199 13.34 -2.16 -39.20
N GLY A 200 12.48 -1.25 -39.69
CA GLY A 200 11.85 -0.22 -38.90
C GLY A 200 12.86 0.76 -38.28
N ALA A 201 14.12 0.64 -38.69
CA ALA A 201 15.24 1.42 -38.14
C ALA A 201 15.06 2.91 -38.44
N GLY A 202 14.95 3.70 -37.38
CA GLY A 202 14.76 5.14 -37.47
C GLY A 202 15.96 5.82 -38.13
N LEU A 203 15.67 6.78 -39.00
CA LEU A 203 16.68 7.53 -39.73
C LEU A 203 16.29 9.00 -39.72
N LEU A 204 17.30 9.87 -39.58
CA LEU A 204 17.10 11.31 -39.69
C LEU A 204 17.94 11.82 -40.86
N PRO A 205 17.38 11.82 -42.09
CA PRO A 205 18.14 12.20 -43.29
C PRO A 205 18.35 13.71 -43.37
N GLU A 206 19.13 14.14 -44.37
CA GLU A 206 19.39 15.55 -44.63
C GLU A 206 18.06 16.25 -44.95
N PRO A 207 17.77 17.40 -44.29
CA PRO A 207 16.44 18.02 -44.34
C PRO A 207 15.76 18.08 -45.72
N ASP A 208 16.56 18.33 -46.76
CA ASP A 208 16.09 18.31 -48.14
C ASP A 208 16.84 17.23 -48.91
N CYS A 209 16.28 16.01 -48.90
CA CYS A 209 16.88 14.85 -49.54
C CYS A 209 15.81 13.77 -49.69
N ARG A 210 15.55 13.35 -50.94
CA ARG A 210 14.52 12.37 -51.23
C ARG A 210 15.11 10.96 -51.21
N LYS A 211 16.45 10.88 -51.25
CA LYS A 211 17.16 9.62 -51.30
C LYS A 211 17.73 9.28 -49.93
N VAL A 212 17.16 8.24 -49.30
CA VAL A 212 17.53 7.84 -47.95
C VAL A 212 18.04 6.40 -47.99
N THR A 213 19.32 6.22 -47.68
CA THR A 213 19.92 4.90 -47.55
C THR A 213 19.97 4.52 -46.08
N CYS A 214 19.35 3.39 -45.74
CA CYS A 214 19.29 2.93 -44.37
C CYS A 214 20.63 2.28 -43.99
N GLU A 215 21.56 3.13 -43.53
CA GLU A 215 22.90 2.69 -43.17
C GLU A 215 23.38 3.48 -41.96
N ASN A 218 30.15 1.50 -38.21
CA ASN A 218 29.48 0.23 -37.85
C ASN A 218 28.46 -0.14 -38.93
N GLY A 219 28.30 -1.44 -39.17
CA GLY A 219 27.31 -1.96 -40.10
C GLY A 219 26.02 -2.37 -39.38
N LEU A 220 25.05 -1.46 -39.37
CA LEU A 220 23.85 -1.61 -38.55
C LEU A 220 22.62 -1.11 -39.32
N GLY A 221 22.74 -1.04 -40.66
CA GLY A 221 21.69 -0.50 -41.51
C GLY A 221 20.68 -1.55 -41.93
N CYS A 222 19.85 -1.17 -42.93
CA CYS A 222 18.85 -2.07 -43.50
C CYS A 222 19.55 -3.23 -44.19
N GLY A 223 20.35 -2.93 -45.23
CA GLY A 223 20.60 -1.59 -45.75
C GLY A 223 19.94 -1.40 -47.12
N PHE A 224 19.03 -0.42 -47.20
CA PHE A 224 18.14 -0.26 -48.35
C PHE A 224 17.87 1.22 -48.59
N ALA A 225 17.82 1.62 -49.86
CA ALA A 225 17.58 3.00 -50.25
C ALA A 225 16.12 3.18 -50.65
N PHE A 226 15.54 4.33 -50.28
CA PHE A 226 14.14 4.58 -50.54
C PHE A 226 13.86 6.07 -50.74
N CYS A 227 12.61 6.34 -51.14
CA CYS A 227 12.06 7.67 -51.34
C CYS A 227 11.57 8.20 -50.01
N ARG A 228 11.90 9.45 -49.68
CA ARG A 228 11.51 10.05 -48.41
C ARG A 228 10.05 10.48 -48.47
N GLU A 229 9.39 10.18 -49.60
CA GLU A 229 8.03 10.64 -49.87
C GLU A 229 7.09 9.45 -49.98
N CYS A 230 7.20 8.71 -51.09
CA CYS A 230 6.28 7.63 -51.41
C CYS A 230 6.73 6.33 -50.75
N LYS A 231 7.95 6.34 -50.18
CA LYS A 231 8.53 5.21 -49.47
C LYS A 231 8.71 4.02 -50.41
N GLU A 232 9.28 4.27 -51.60
CA GLU A 232 9.66 3.23 -52.53
C GLU A 232 11.14 3.40 -52.86
N ALA A 233 11.73 2.39 -53.53
CA ALA A 233 13.11 2.48 -53.98
C ALA A 233 13.31 3.77 -54.77
N TYR A 234 14.28 4.58 -54.33
CA TYR A 234 14.49 5.94 -54.81
C TYR A 234 14.51 5.97 -56.33
N HIS A 235 13.60 6.77 -56.90
CA HIS A 235 13.43 6.91 -58.34
C HIS A 235 13.72 8.36 -58.75
N GLU A 236 14.21 8.52 -59.99
CA GLU A 236 14.38 9.83 -60.60
C GLU A 236 13.04 10.27 -61.20
N GLY A 237 12.07 9.35 -61.22
CA GLY A 237 10.73 9.62 -61.70
C GLY A 237 9.84 10.22 -60.61
N GLU A 238 8.53 10.34 -60.91
CA GLU A 238 7.56 10.95 -60.00
C GLU A 238 7.07 9.92 -58.99
N CYS A 239 6.53 10.42 -57.88
CA CYS A 239 6.03 9.61 -56.77
C CYS A 239 4.62 9.09 -57.08
N SER A 240 3.95 8.57 -56.04
CA SER A 240 2.61 8.02 -56.17
C SER A 240 1.71 8.52 -55.03
N VAL A 255 -16.32 13.10 -22.05
CA VAL A 255 -16.32 12.97 -20.55
C VAL A 255 -17.54 13.70 -19.99
N ASP A 256 -18.21 13.06 -19.04
CA ASP A 256 -19.35 13.63 -18.35
C ASP A 256 -18.92 14.93 -17.67
N GLU A 257 -19.71 15.99 -17.89
CA GLU A 257 -19.44 17.31 -17.36
C GLU A 257 -19.70 17.32 -15.85
N ARG A 258 -20.75 16.61 -15.44
CA ARG A 258 -21.14 16.51 -14.04
C ARG A 258 -20.05 15.79 -13.25
N ALA A 259 -19.57 14.67 -13.82
CA ALA A 259 -18.57 13.82 -13.17
C ALA A 259 -17.24 14.57 -13.04
N ALA A 260 -17.04 15.58 -13.89
CA ALA A 260 -15.85 16.41 -13.86
C ALA A 260 -15.92 17.40 -12.69
N GLU A 261 -17.15 17.81 -12.35
CA GLU A 261 -17.38 18.74 -11.25
C GLU A 261 -17.18 18.00 -9.92
N GLN A 262 -17.65 16.75 -9.85
CA GLN A 262 -17.60 15.96 -8.62
C GLN A 262 -16.27 15.22 -8.53
N ALA A 263 -15.35 15.53 -9.45
CA ALA A 263 -14.04 14.89 -9.51
C ALA A 263 -12.95 15.96 -9.46
N ARG A 264 -13.09 16.91 -8.54
CA ARG A 264 -12.08 17.92 -8.32
C ARG A 264 -11.51 17.74 -6.92
N TRP A 265 -10.17 17.80 -6.81
CA TRP A 265 -9.44 17.51 -5.59
C TRP A 265 -9.72 18.58 -4.53
N GLU A 266 -10.17 19.76 -4.98
CA GLU A 266 -10.62 20.82 -4.10
C GLU A 266 -12.07 21.18 -4.44
N ALA A 267 -13.00 20.31 -4.02
CA ALA A 267 -14.43 20.51 -4.25
C ALA A 267 -15.24 19.95 -3.07
N LYS A 275 -9.69 20.87 8.14
CA LYS A 275 -9.21 20.27 9.42
C LYS A 275 -8.90 21.38 10.42
N THR A 276 -8.57 22.58 9.90
CA THR A 276 -8.26 23.77 10.66
C THR A 276 -7.19 23.49 11.73
N THR A 277 -7.59 23.50 13.01
CA THR A 277 -6.67 23.34 14.12
C THR A 277 -7.12 22.23 15.06
N LYS A 278 -6.15 21.50 15.60
CA LYS A 278 -6.38 20.44 16.57
C LYS A 278 -5.49 20.67 17.79
N PRO A 279 -5.93 20.28 19.01
CA PRO A 279 -5.10 20.42 20.20
C PRO A 279 -3.97 19.40 20.26
N CYS A 280 -2.85 19.81 20.87
CA CYS A 280 -1.69 18.96 21.04
C CYS A 280 -1.97 17.88 22.08
N PRO A 281 -1.41 16.66 21.94
CA PRO A 281 -1.55 15.61 22.96
C PRO A 281 -0.97 15.90 24.35
N ARG A 282 -0.44 17.11 24.56
CA ARG A 282 0.10 17.49 25.86
C ARG A 282 -0.50 18.82 26.33
N CYS A 283 0.00 19.95 25.82
CA CYS A 283 -0.47 21.26 26.26
C CYS A 283 -1.92 21.50 25.84
N HIS A 284 -2.45 20.61 24.99
CA HIS A 284 -3.85 20.58 24.61
C HIS A 284 -4.31 21.94 24.10
N VAL A 285 -3.35 22.77 23.68
CA VAL A 285 -3.62 24.05 23.03
C VAL A 285 -3.72 23.79 21.53
N PRO A 286 -4.66 24.44 20.81
CA PRO A 286 -4.85 24.20 19.38
C PRO A 286 -3.65 24.69 18.56
N VAL A 287 -3.35 23.96 17.47
CA VAL A 287 -2.19 24.26 16.66
C VAL A 287 -2.64 24.53 15.21
N LYS A 289 -2.24 24.36 11.43
CA LYS A 289 -1.41 23.36 10.70
C LYS A 289 -0.52 24.07 9.69
N ASN A 290 0.71 23.57 9.55
CA ASN A 290 1.67 24.08 8.58
C ASN A 290 1.48 23.37 7.25
N GLY A 291 0.82 24.07 6.31
CA GLY A 291 0.55 23.56 4.97
C GLY A 291 0.11 22.11 5.00
N GLY A 292 0.85 21.27 4.26
CA GLY A 292 0.61 19.84 4.24
C GLY A 292 1.61 19.10 5.14
N CYS A 293 2.52 19.86 5.75
CA CYS A 293 3.55 19.30 6.60
C CYS A 293 2.92 18.74 7.88
N MET A 294 3.06 17.43 8.05
CA MET A 294 2.37 16.71 9.12
C MET A 294 3.17 16.78 10.41
N HIS A 295 4.35 17.41 10.34
CA HIS A 295 5.18 17.61 11.52
C HIS A 295 4.71 18.86 12.27
N MET A 296 4.14 18.63 13.46
CA MET A 296 3.58 19.69 14.29
C MET A 296 4.46 19.84 15.54
N LYS A 297 4.61 21.09 16.00
CA LYS A 297 5.37 21.37 17.21
C LYS A 297 4.53 22.19 18.17
N CYS A 298 4.32 21.65 19.38
CA CYS A 298 3.52 22.28 20.42
C CYS A 298 4.14 23.62 20.77
N PRO A 299 3.41 24.75 20.59
CA PRO A 299 3.98 26.08 20.77
C PRO A 299 4.26 26.48 22.22
N GLN A 300 3.70 25.74 23.18
CA GLN A 300 3.83 26.05 24.60
C GLN A 300 5.19 25.60 25.13
N PRO A 301 5.92 26.47 25.85
CA PRO A 301 7.32 26.22 26.23
C PRO A 301 7.60 25.04 27.17
N GLN A 302 6.64 24.72 28.05
CA GLN A 302 6.79 23.58 28.94
C GLN A 302 6.43 22.29 28.19
N CYS A 303 5.80 22.45 27.02
CA CYS A 303 5.46 21.32 26.18
C CYS A 303 6.52 21.11 25.10
N ARG A 304 6.44 21.91 24.03
CA ARG A 304 7.35 21.85 22.90
C ARG A 304 7.49 20.42 22.40
N LEU A 305 6.36 19.82 22.00
CA LEU A 305 6.34 18.45 21.53
C LEU A 305 6.31 18.44 20.00
N GLU A 306 6.91 17.40 19.42
CA GLU A 306 6.84 17.13 18.00
C GLU A 306 5.85 15.98 17.79
N TRP A 307 4.72 16.28 17.11
CA TRP A 307 3.67 15.29 16.95
C TRP A 307 3.14 15.26 15.52
N CYS A 308 2.68 14.08 15.11
CA CYS A 308 2.10 13.82 13.81
C CYS A 308 0.62 14.16 13.82
N TRP A 309 0.17 14.89 12.79
CA TRP A 309 -1.20 15.35 12.64
C TRP A 309 -2.13 14.17 12.37
N ASN A 310 -1.64 13.19 11.61
CA ASN A 310 -2.41 12.01 11.26
C ASN A 310 -2.21 10.93 12.32
N CYS A 311 -0.99 10.37 12.40
CA CYS A 311 -0.72 9.30 13.34
C CYS A 311 -1.22 9.67 14.73
N GLY A 312 -0.89 10.89 15.18
CA GLY A 312 -1.31 11.38 16.48
C GLY A 312 -0.25 11.19 17.56
N CYS A 313 0.84 10.47 17.22
CA CYS A 313 1.90 10.17 18.16
C CYS A 313 3.02 11.20 18.05
N GLU A 314 4.14 10.92 18.73
CA GLU A 314 5.31 11.77 18.72
C GLU A 314 6.06 11.56 17.41
N TRP A 315 6.43 12.67 16.76
CA TRP A 315 7.06 12.62 15.45
C TRP A 315 8.17 11.58 15.43
N ASN A 316 8.09 10.64 14.48
CA ASN A 316 9.01 9.52 14.44
C ASN A 316 9.47 9.25 13.01
N ARG A 317 10.18 8.13 12.85
CA ARG A 317 10.82 7.75 11.60
C ARG A 317 9.79 7.25 10.59
N VAL A 318 8.87 6.39 11.07
CA VAL A 318 7.88 5.76 10.21
C VAL A 318 6.96 6.83 9.65
N CYS A 319 6.53 7.75 10.52
CA CYS A 319 5.68 8.87 10.15
C CYS A 319 6.34 9.71 9.04
N MET A 320 7.65 9.95 9.19
CA MET A 320 8.44 10.66 8.19
C MET A 320 8.37 9.91 6.86
N GLY A 321 8.61 8.59 6.91
CA GLY A 321 8.73 7.76 5.74
C GLY A 321 7.40 7.52 5.03
N ASP A 322 6.32 7.41 5.81
CA ASP A 322 5.01 7.07 5.28
C ASP A 322 4.32 8.32 4.73
N HIS A 323 4.43 9.44 5.46
CA HIS A 323 3.66 10.63 5.11
C HIS A 323 4.21 11.88 5.82
N TRP A 324 5.48 12.22 5.56
CA TRP A 324 6.02 13.47 6.07
C TRP A 324 5.04 14.60 5.77
N PHE A 325 4.55 14.63 4.51
CA PHE A 325 3.53 15.59 4.13
C PHE A 325 2.33 14.86 3.54
N ASP A 326 1.26 15.63 3.30
CA ASP A 326 0.04 15.14 2.70
C ASP A 326 -0.39 16.11 1.60
N VAL A 327 -1.26 15.63 0.70
CA VAL A 327 -1.74 16.40 -0.43
C VAL A 327 -3.15 16.93 -0.12
N MET B 1 25.04 0.62 -12.63
CA MET B 1 23.83 -0.12 -13.10
C MET B 1 23.99 -0.48 -14.57
N GLN B 2 22.95 -1.11 -15.14
CA GLN B 2 22.97 -1.56 -16.51
C GLN B 2 21.70 -1.06 -17.20
N ILE B 3 21.86 -0.51 -18.41
CA ILE B 3 20.71 -0.11 -19.22
C ILE B 3 20.80 -0.80 -20.58
N PHE B 4 19.67 -0.77 -21.31
CA PHE B 4 19.58 -1.35 -22.63
C PHE B 4 19.27 -0.24 -23.64
N VAL B 5 20.09 -0.17 -24.70
CA VAL B 5 19.84 0.73 -25.81
C VAL B 5 19.30 -0.10 -26.97
N LYS B 6 18.02 0.14 -27.29
CA LYS B 6 17.29 -0.62 -28.30
C LYS B 6 17.07 0.29 -29.51
N THR B 7 17.57 -0.16 -30.68
CA THR B 7 17.22 0.45 -31.95
C THR B 7 15.87 -0.12 -32.38
N LEU B 8 15.17 0.60 -33.27
CA LEU B 8 13.83 0.20 -33.65
C LEU B 8 13.87 -1.08 -34.51
N THR B 9 15.09 -1.53 -34.84
CA THR B 9 15.32 -2.78 -35.53
C THR B 9 15.08 -3.94 -34.57
N GLY B 10 15.06 -3.63 -33.28
CA GLY B 10 15.01 -4.63 -32.22
C GLY B 10 16.39 -4.86 -31.61
N LYS B 11 17.43 -4.31 -32.28
CA LYS B 11 18.82 -4.46 -31.90
C LYS B 11 19.06 -3.83 -30.52
N THR B 12 19.38 -4.69 -29.53
CA THR B 12 19.60 -4.26 -28.16
C THR B 12 21.07 -4.40 -27.79
N ILE B 13 21.63 -3.31 -27.23
CA ILE B 13 23.00 -3.27 -26.75
C ILE B 13 22.96 -3.05 -25.25
N THR B 14 23.84 -3.76 -24.52
CA THR B 14 23.91 -3.66 -23.08
C THR B 14 25.06 -2.72 -22.69
N LEU B 15 24.75 -1.75 -21.82
CA LEU B 15 25.69 -0.74 -21.41
C LEU B 15 25.78 -0.71 -19.89
N GLU B 16 27.01 -0.51 -19.38
CA GLU B 16 27.25 -0.30 -17.97
C GLU B 16 27.38 1.20 -17.70
N VAL B 17 26.39 1.76 -16.98
CA VAL B 17 26.31 3.18 -16.73
C VAL B 17 26.10 3.43 -15.23
N GLU B 18 26.09 4.72 -14.86
CA GLU B 18 25.77 5.17 -13.51
C GLU B 18 24.81 6.35 -13.62
N PRO B 19 23.90 6.55 -12.65
CA PRO B 19 22.93 7.66 -12.69
C PRO B 19 23.54 9.04 -12.95
N SER B 20 24.84 9.17 -12.67
CA SER B 20 25.57 10.43 -12.82
C SER B 20 26.01 10.64 -14.26
N ASP B 21 26.01 9.56 -15.06
CA ASP B 21 26.42 9.61 -16.45
C ASP B 21 25.53 10.58 -17.22
N THR B 22 26.15 11.49 -17.96
CA THR B 22 25.44 12.38 -18.86
C THR B 22 25.14 11.62 -20.15
N ILE B 23 24.11 12.09 -20.88
CA ILE B 23 23.75 11.52 -22.17
C ILE B 23 24.99 11.54 -23.07
N GLU B 24 25.77 12.63 -22.97
CA GLU B 24 27.01 12.81 -23.70
C GLU B 24 27.97 11.65 -23.43
N ASN B 25 28.05 11.25 -22.15
CA ASN B 25 28.88 10.13 -21.72
C ASN B 25 28.31 8.82 -22.29
N VAL B 26 26.98 8.71 -22.24
CA VAL B 26 26.28 7.51 -22.67
C VAL B 26 26.58 7.28 -24.15
N LYS B 27 26.53 8.35 -24.94
CA LYS B 27 26.76 8.29 -26.37
C LYS B 27 28.20 7.84 -26.64
N ALA B 28 29.12 8.35 -25.83
CA ALA B 28 30.54 8.01 -25.93
C ALA B 28 30.75 6.53 -25.60
N LYS B 29 29.94 6.03 -24.66
CA LYS B 29 29.98 4.63 -24.26
C LYS B 29 29.50 3.74 -25.39
N ILE B 30 28.51 4.23 -26.14
CA ILE B 30 27.95 3.53 -27.29
C ILE B 30 29.01 3.47 -28.39
N GLN B 31 29.75 4.57 -28.56
CA GLN B 31 30.81 4.67 -29.55
C GLN B 31 31.93 3.68 -29.22
N ASP B 32 32.17 3.48 -27.93
CA ASP B 32 33.22 2.59 -27.44
C ASP B 32 32.88 1.15 -27.79
N LYS B 33 31.58 0.84 -27.89
CA LYS B 33 31.15 -0.53 -28.11
C LYS B 33 30.80 -0.75 -29.58
N GLU B 34 29.77 -0.04 -30.07
CA GLU B 34 29.26 -0.31 -31.41
C GLU B 34 30.12 0.40 -32.45
N GLY B 35 30.57 1.62 -32.14
CA GLY B 35 31.44 2.37 -33.04
C GLY B 35 30.72 3.51 -33.74
N ILE B 36 29.44 3.72 -33.39
CA ILE B 36 28.65 4.81 -33.94
C ILE B 36 29.14 6.12 -33.30
N PRO B 37 29.63 7.10 -34.09
CA PRO B 37 30.05 8.39 -33.54
C PRO B 37 28.88 9.07 -32.84
N PRO B 38 29.13 9.79 -31.71
CA PRO B 38 28.05 10.45 -30.97
C PRO B 38 27.31 11.48 -31.83
N ASP B 39 27.98 11.95 -32.89
CA ASP B 39 27.47 12.98 -33.78
C ASP B 39 26.32 12.41 -34.61
N GLN B 40 26.31 11.08 -34.76
CA GLN B 40 25.30 10.39 -35.55
C GLN B 40 24.24 9.79 -34.63
N GLN B 41 24.46 9.90 -33.30
CA GLN B 41 23.59 9.28 -32.31
C GLN B 41 22.54 10.28 -31.84
N ARG B 42 21.29 9.79 -31.77
CA ARG B 42 20.18 10.51 -31.17
C ARG B 42 19.44 9.56 -30.24
N LEU B 43 19.59 9.77 -28.93
CA LEU B 43 19.01 8.89 -27.93
C LEU B 43 17.66 9.43 -27.47
N ILE B 44 16.68 8.53 -27.39
CA ILE B 44 15.32 8.88 -27.02
C ILE B 44 14.89 7.99 -25.84
N PHE B 45 14.25 8.63 -24.86
CA PHE B 45 13.58 7.93 -23.78
C PHE B 45 12.25 8.62 -23.50
N ALA B 46 11.23 7.82 -23.21
CA ALA B 46 9.89 8.27 -22.89
C ALA B 46 9.31 9.12 -24.03
N GLY B 47 9.99 9.08 -25.18
CA GLY B 47 9.55 9.78 -26.37
C GLY B 47 10.16 11.17 -26.48
N LYS B 48 11.11 11.48 -25.60
CA LYS B 48 11.87 12.71 -25.73
C LYS B 48 13.30 12.38 -26.12
N GLN B 49 13.77 13.11 -27.14
CA GLN B 49 15.18 13.12 -27.51
C GLN B 49 15.95 13.66 -26.32
N LEU B 50 16.84 12.84 -25.77
CA LEU B 50 17.56 13.17 -24.55
C LEU B 50 18.71 14.11 -24.87
N GLU B 51 18.86 15.17 -24.06
CA GLU B 51 19.85 16.19 -24.28
C GLU B 51 21.17 15.81 -23.59
N ASP B 52 22.28 16.25 -24.19
CA ASP B 52 23.62 15.78 -23.83
C ASP B 52 23.99 16.19 -22.41
N GLY B 53 23.57 17.39 -22.01
CA GLY B 53 23.98 17.99 -20.74
C GLY B 53 23.06 17.62 -19.57
N ARG B 54 22.26 16.56 -19.77
CA ARG B 54 21.43 16.01 -18.72
C ARG B 54 21.91 14.60 -18.40
N THR B 55 21.77 14.20 -17.13
CA THR B 55 22.19 12.89 -16.65
C THR B 55 20.97 11.97 -16.62
N LEU B 56 21.25 10.66 -16.52
CA LEU B 56 20.21 9.64 -16.50
C LEU B 56 19.27 9.85 -15.31
N SER B 57 19.82 10.40 -14.22
CA SER B 57 19.05 10.65 -13.01
C SER B 57 18.05 11.77 -13.27
N ASP B 58 18.49 12.75 -14.07
CA ASP B 58 17.65 13.89 -14.43
C ASP B 58 16.40 13.38 -15.15
N TYR B 59 16.61 12.37 -16.02
CA TYR B 59 15.53 11.79 -16.80
C TYR B 59 14.89 10.63 -16.04
N ASN B 60 15.35 10.41 -14.80
CA ASN B 60 14.78 9.42 -13.89
C ASN B 60 14.87 8.02 -14.46
N ILE B 61 15.70 7.88 -15.51
CA ILE B 61 15.97 6.59 -16.14
C ILE B 61 16.48 5.64 -15.06
N GLN B 62 15.74 4.52 -14.89
CA GLN B 62 15.94 3.60 -13.78
C GLN B 62 16.87 2.47 -14.18
N LYS B 63 17.26 1.66 -13.19
CA LYS B 63 18.11 0.50 -13.38
C LYS B 63 17.39 -0.49 -14.30
N GLU B 64 18.05 -0.85 -15.40
CA GLU B 64 17.56 -1.83 -16.37
C GLU B 64 16.39 -1.26 -17.16
N SEP B 65 16.36 0.07 -17.31
CA SEP B 65 15.42 0.70 -18.22
CB SEP B 65 15.12 2.11 -17.75
OG SEP B 65 14.30 2.02 -16.56
C SEP B 65 15.97 0.65 -19.63
O SEP B 65 17.10 0.20 -19.84
P SEP B 65 12.85 2.73 -16.57
O1P SEP B 65 12.01 1.94 -15.56
O2P SEP B 65 13.09 4.15 -16.13
O3P SEP B 65 12.33 2.62 -17.99
N THR B 66 15.18 1.11 -20.60
CA THR B 66 15.53 0.91 -22.00
C THR B 66 15.48 2.23 -22.77
N LEU B 67 16.62 2.58 -23.38
CA LEU B 67 16.76 3.75 -24.23
C LEU B 67 16.61 3.34 -25.69
N HIS B 68 16.27 4.31 -26.54
CA HIS B 68 16.14 4.07 -27.98
C HIS B 68 17.20 4.86 -28.74
N LEU B 69 17.79 4.24 -29.77
CA LEU B 69 18.78 4.90 -30.60
C LEU B 69 18.26 5.09 -32.02
N VAL B 70 18.40 6.33 -32.52
CA VAL B 70 18.04 6.71 -33.88
C VAL B 70 19.27 7.35 -34.51
N LEU B 71 19.53 7.05 -35.79
CA LEU B 71 20.74 7.50 -36.45
C LEU B 71 20.45 8.74 -37.30
N ARG B 72 21.41 9.68 -37.29
CA ARG B 72 21.39 10.86 -38.14
C ARG B 72 22.44 10.68 -39.23
N LEU B 73 22.02 10.91 -40.49
CA LEU B 73 22.86 10.66 -41.65
C LEU B 73 23.32 12.00 -42.24
N GLY C 1 4.09 -9.27 -9.03
CA GLY C 1 4.50 -9.31 -7.59
C GLY C 1 3.31 -9.11 -6.66
N PRO C 2 3.46 -9.43 -5.36
CA PRO C 2 2.31 -9.45 -4.44
C PRO C 2 1.87 -8.03 -4.07
N SER C 3 0.57 -7.78 -4.22
CA SER C 3 -0.05 -6.53 -3.79
C SER C 3 -0.06 -6.47 -2.26
N ILE C 4 -0.28 -5.28 -1.71
CA ILE C 4 -0.50 -5.14 -0.28
C ILE C 4 -2.00 -5.12 -0.02
N TYR C 5 -2.53 -6.25 0.46
CA TYR C 5 -3.95 -6.36 0.74
C TYR C 5 -4.13 -7.00 2.11
N ASN C 6 -4.70 -6.24 3.05
CA ASN C 6 -4.77 -6.68 4.43
C ASN C 6 -6.20 -7.09 4.76
N SER C 7 -6.43 -8.41 4.71
CA SER C 7 -7.71 -9.02 5.05
C SER C 7 -7.87 -9.05 6.57
N PHE C 8 -6.73 -9.10 7.27
CA PHE C 8 -6.70 -9.37 8.70
C PHE C 8 -6.20 -8.13 9.44
N TYR C 9 -6.93 -7.76 10.50
CA TYR C 9 -6.53 -6.70 11.40
C TYR C 9 -6.58 -7.22 12.84
N VAL C 10 -5.50 -6.98 13.59
CA VAL C 10 -5.43 -7.39 14.99
C VAL C 10 -5.36 -6.16 15.88
N TYR C 11 -5.36 -6.37 17.20
CA TYR C 11 -4.99 -5.32 18.13
C TYR C 11 -3.63 -5.65 18.73
N CYS C 12 -2.71 -4.69 18.61
CA CYS C 12 -1.31 -4.88 18.95
C CYS C 12 -0.97 -4.03 20.16
N LYS C 13 -0.53 -4.71 21.23
CA LYS C 13 -0.28 -4.09 22.52
C LYS C 13 1.19 -3.66 22.59
N GLY C 14 1.52 -2.60 21.84
CA GLY C 14 2.87 -2.05 21.84
C GLY C 14 3.78 -2.74 20.84
N PRO C 15 4.59 -1.99 20.06
CA PRO C 15 4.70 -0.53 20.20
C PRO C 15 3.57 0.26 19.53
N CYS C 16 2.72 -0.45 18.79
CA CYS C 16 1.58 0.16 18.12
C CYS C 16 0.61 0.69 19.17
N GLN C 17 0.18 -0.21 20.05
CA GLN C 17 -0.79 0.06 21.10
C GLN C 17 -2.13 0.46 20.49
N ARG C 18 -2.42 -0.05 19.28
CA ARG C 18 -3.70 0.19 18.63
C ARG C 18 -3.95 -0.86 17.54
N VAL C 19 -5.05 -0.68 16.80
CA VAL C 19 -5.49 -1.61 15.77
C VAL C 19 -4.58 -1.46 14.56
N GLN C 20 -3.99 -2.60 14.15
CA GLN C 20 -3.07 -2.62 13.02
C GLN C 20 -3.44 -3.80 12.11
N PRO C 21 -2.96 -3.84 10.85
CA PRO C 21 -3.13 -5.04 10.01
C PRO C 21 -2.37 -6.22 10.59
N GLY C 22 -2.96 -7.41 10.46
CA GLY C 22 -2.42 -8.64 11.02
C GLY C 22 -1.84 -9.57 9.96
N LYS C 23 -1.05 -10.55 10.42
CA LYS C 23 -0.48 -11.60 9.59
C LYS C 23 -1.04 -12.93 10.06
N LEU C 24 -1.69 -13.68 9.15
CA LEU C 24 -2.19 -15.01 9.47
C LEU C 24 -1.10 -16.04 9.17
N ARG C 25 -0.81 -16.88 10.17
CA ARG C 25 0.13 -17.98 10.03
C ARG C 25 -0.47 -19.23 10.64
N VAL C 26 -0.05 -20.40 10.12
CA VAL C 26 -0.65 -21.67 10.47
C VAL C 26 0.43 -22.63 10.96
N GLN C 27 0.03 -23.58 11.83
CA GLN C 27 0.93 -24.61 12.32
C GLN C 27 0.16 -25.90 12.58
N CYS C 28 0.91 -27.01 12.62
CA CYS C 28 0.38 -28.32 12.96
C CYS C 28 -0.04 -28.33 14.43
N SER C 29 -1.19 -28.95 14.71
CA SER C 29 -1.73 -29.03 16.06
C SER C 29 -0.77 -29.78 16.97
N THR C 30 -0.28 -30.94 16.49
CA THR C 30 0.55 -31.83 17.31
C THR C 30 2.02 -31.40 17.25
N CYS C 31 2.54 -31.09 16.06
CA CYS C 31 3.92 -30.67 15.90
C CYS C 31 4.20 -29.45 16.77
N ARG C 32 3.19 -28.57 16.85
CA ARG C 32 3.37 -27.19 17.25
C ARG C 32 4.39 -26.53 16.33
N GLN C 33 4.53 -27.11 15.13
CA GLN C 33 5.51 -26.68 14.13
C GLN C 33 4.79 -26.21 12.87
N ALA C 34 5.50 -25.47 12.03
CA ALA C 34 4.94 -24.91 10.82
C ALA C 34 5.22 -25.82 9.63
N THR C 35 4.90 -27.11 9.79
CA THR C 35 5.09 -28.09 8.72
C THR C 35 3.75 -28.67 8.30
N LEU C 36 2.68 -27.90 8.48
CA LEU C 36 1.34 -28.36 8.13
C LEU C 36 1.01 -27.88 6.72
N THR C 37 0.74 -28.85 5.82
CA THR C 37 0.30 -28.57 4.47
C THR C 37 -1.22 -28.78 4.39
N LEU C 38 -1.96 -27.68 4.43
CA LEU C 38 -3.41 -27.71 4.39
C LEU C 38 -3.88 -28.38 3.11
N THR C 39 -4.84 -29.30 3.25
CA THR C 39 -5.51 -29.91 2.10
C THR C 39 -6.18 -28.83 1.28
N GLN C 40 -6.94 -27.96 1.95
CA GLN C 40 -7.59 -26.80 1.35
C GLN C 40 -7.34 -25.58 2.23
N GLY C 41 -7.17 -24.42 1.58
CA GLY C 41 -6.93 -23.17 2.29
C GLY C 41 -8.15 -22.69 3.06
N PRO C 42 -7.99 -21.83 4.08
CA PRO C 42 -9.12 -21.23 4.79
C PRO C 42 -9.94 -20.34 3.85
N SER C 43 -11.24 -20.26 4.11
CA SER C 43 -12.14 -19.50 3.25
C SER C 43 -12.99 -18.54 4.07
N CYS C 44 -13.32 -18.95 5.31
CA CYS C 44 -14.10 -18.11 6.20
C CYS C 44 -13.29 -17.86 7.48
N TRP C 45 -13.81 -16.97 8.33
CA TRP C 45 -13.18 -16.67 9.61
C TRP C 45 -13.27 -17.86 10.54
N ASP C 46 -14.35 -18.65 10.39
CA ASP C 46 -14.61 -19.83 11.21
C ASP C 46 -13.52 -20.87 11.00
N ASP C 47 -12.84 -20.82 9.84
CA ASP C 47 -11.79 -21.76 9.49
C ASP C 47 -10.54 -21.50 10.33
N VAL C 48 -10.33 -20.23 10.71
CA VAL C 48 -9.12 -19.85 11.42
C VAL C 48 -9.42 -19.64 12.91
N LEU C 49 -10.71 -19.48 13.25
CA LEU C 49 -11.09 -19.09 14.61
C LEU C 49 -11.65 -20.28 15.40
N ILE C 50 -12.08 -21.34 14.72
CA ILE C 50 -12.55 -22.54 15.39
C ILE C 50 -11.45 -23.60 15.37
N PRO C 51 -11.02 -24.09 16.56
CA PRO C 51 -9.91 -25.03 16.64
C PRO C 51 -10.18 -26.34 15.90
N ASN C 52 -9.18 -26.80 15.14
CA ASN C 52 -9.17 -28.06 14.41
C ASN C 52 -10.38 -28.18 13.49
N ARG C 53 -10.69 -27.09 12.76
CA ARG C 53 -11.78 -27.15 11.79
C ARG C 53 -11.19 -27.47 10.41
N MET C 54 -9.87 -27.36 10.28
CA MET C 54 -9.21 -27.62 9.02
C MET C 54 -8.26 -28.81 9.15
N SER C 55 -8.05 -29.50 8.02
CA SER C 55 -7.26 -30.72 7.95
C SER C 55 -6.02 -30.51 7.09
N GLY C 56 -5.01 -31.35 7.34
CA GLY C 56 -3.74 -31.30 6.63
C GLY C 56 -2.80 -32.38 7.15
N GLU C 57 -1.52 -32.29 6.75
CA GLU C 57 -0.52 -33.27 7.16
C GLU C 57 0.76 -32.57 7.59
N CYS C 58 1.40 -33.13 8.63
CA CYS C 58 2.68 -32.63 9.10
C CYS C 58 3.78 -33.14 8.17
N GLN C 59 4.94 -32.49 8.24
CA GLN C 59 6.09 -32.89 7.44
C GLN C 59 7.31 -33.06 8.33
N SER C 60 7.10 -33.03 9.66
CA SER C 60 8.13 -33.37 10.62
C SER C 60 8.41 -34.87 10.55
N PRO C 61 9.68 -35.33 10.70
CA PRO C 61 10.05 -36.73 10.49
C PRO C 61 8.89 -37.71 10.65
N HIS C 62 8.41 -37.88 11.87
CA HIS C 62 7.48 -38.95 12.18
C HIS C 62 6.32 -38.46 13.05
N CYS C 63 6.06 -37.15 13.03
CA CYS C 63 4.88 -36.59 13.68
C CYS C 63 3.64 -37.05 12.92
N PRO C 64 2.56 -37.49 13.61
CA PRO C 64 1.30 -37.83 12.95
C PRO C 64 0.34 -36.65 12.93
N GLY C 65 0.82 -35.51 12.45
CA GLY C 65 0.07 -34.28 12.36
C GLY C 65 -1.21 -34.46 11.55
N THR C 66 -2.34 -34.03 12.13
CA THR C 66 -3.65 -34.35 11.60
C THR C 66 -4.42 -33.07 11.28
N SER C 67 -4.31 -32.08 12.16
CA SER C 67 -5.10 -30.86 12.04
C SER C 67 -4.20 -29.62 12.12
N ALA C 68 -4.82 -28.45 11.94
CA ALA C 68 -4.09 -27.19 11.81
C ALA C 68 -4.54 -26.18 12.87
N GLU C 69 -3.59 -25.36 13.30
CA GLU C 69 -3.81 -24.33 14.32
C GLU C 69 -3.34 -22.99 13.75
N PHE C 70 -4.22 -21.99 13.81
CA PHE C 70 -3.95 -20.67 13.25
C PHE C 70 -3.71 -19.66 14.37
N PHE C 71 -2.79 -18.72 14.13
CA PHE C 71 -2.54 -17.62 15.04
C PHE C 71 -2.35 -16.33 14.25
N PHE C 72 -2.44 -15.20 14.96
CA PHE C 72 -2.36 -13.89 14.32
C PHE C 72 -1.26 -13.05 14.96
N LYS C 73 -0.51 -12.34 14.11
CA LYS C 73 0.57 -11.46 14.52
C LYS C 73 0.30 -10.06 13.96
N CYS C 74 0.90 -9.06 14.60
CA CYS C 74 0.92 -7.69 14.08
C CYS C 74 1.79 -7.66 12.82
N GLY C 75 1.31 -6.98 11.77
CA GLY C 75 2.00 -6.97 10.49
C GLY C 75 2.80 -5.68 10.25
N ALA C 76 2.65 -4.72 11.17
CA ALA C 76 3.19 -3.38 10.99
C ALA C 76 4.69 -3.33 11.32
N HIS C 77 5.18 -4.37 12.00
CA HIS C 77 6.59 -4.50 12.36
C HIS C 77 6.94 -5.97 12.50
N PRO C 78 8.23 -6.33 12.69
CA PRO C 78 8.61 -7.71 13.00
C PRO C 78 7.93 -8.18 14.29
N THR C 79 7.52 -9.44 14.29
CA THR C 79 6.97 -10.11 15.45
C THR C 79 7.76 -11.39 15.69
N SER C 80 7.96 -11.72 16.98
CA SER C 80 8.51 -13.02 17.34
C SER C 80 7.46 -14.09 17.06
N ASP C 81 7.90 -15.35 17.03
CA ASP C 81 7.05 -16.46 16.61
C ASP C 81 5.94 -16.70 17.64
N LYS C 82 6.14 -16.17 18.86
CA LYS C 82 5.24 -16.40 19.98
C LYS C 82 4.55 -15.09 20.37
N GLU C 83 4.72 -14.05 19.55
CA GLU C 83 4.11 -12.75 19.81
C GLU C 83 2.74 -12.68 19.15
N THR C 84 1.76 -13.36 19.75
CA THR C 84 0.40 -13.39 19.26
C THR C 84 -0.29 -12.06 19.58
N SER C 85 -1.14 -11.62 18.64
CA SER C 85 -2.04 -10.51 18.85
C SER C 85 -3.46 -10.99 18.58
N VAL C 86 -4.44 -10.42 19.31
CA VAL C 86 -5.82 -10.83 19.20
C VAL C 86 -6.42 -10.27 17.90
N ALA C 87 -7.05 -11.15 17.13
CA ALA C 87 -7.65 -10.78 15.85
C ALA C 87 -9.04 -10.20 16.08
N LEU C 88 -9.36 -9.16 15.32
CA LEU C 88 -10.67 -8.53 15.38
C LEU C 88 -11.43 -8.89 14.11
N HIS C 89 -12.18 -10.00 14.17
CA HIS C 89 -12.73 -10.67 13.00
C HIS C 89 -13.87 -9.85 12.38
N LEU C 90 -14.42 -8.90 13.14
CA LEU C 90 -15.55 -8.12 12.69
C LEU C 90 -15.09 -6.96 11.79
N ILE C 91 -13.77 -6.74 11.75
CA ILE C 91 -13.19 -5.72 10.88
C ILE C 91 -12.94 -6.32 9.50
N ALA C 92 -12.92 -5.46 8.47
CA ALA C 92 -12.63 -5.88 7.11
C ALA C 92 -12.28 -4.67 6.24
N THR C 93 -11.41 -4.90 5.26
CA THR C 93 -11.11 -3.91 4.23
C THR C 93 -12.37 -3.71 3.39
N ASN C 94 -12.62 -2.46 3.01
CA ASN C 94 -13.82 -2.11 2.26
C ASN C 94 -13.58 -2.29 0.77
N SER C 95 -13.48 -3.56 0.34
CA SER C 95 -13.27 -3.90 -1.06
C SER C 95 -14.60 -3.90 -1.80
N ARG C 96 -15.69 -4.10 -1.04
CA ARG C 96 -17.04 -4.06 -1.57
C ARG C 96 -17.52 -2.62 -1.65
N ASN C 97 -16.78 -1.71 -0.98
CA ASN C 97 -16.98 -0.27 -1.03
C ASN C 97 -18.37 0.10 -0.52
N ILE C 98 -18.65 -0.26 0.74
CA ILE C 98 -19.94 0.02 1.36
C ILE C 98 -19.81 1.29 2.20
N THR C 99 -20.88 2.10 2.20
CA THR C 99 -20.92 3.34 2.96
C THR C 99 -21.11 3.00 4.44
N CYS C 100 -20.57 3.87 5.30
CA CYS C 100 -20.72 3.76 6.75
C CYS C 100 -22.15 4.10 7.14
N ILE C 101 -22.60 3.50 8.26
CA ILE C 101 -23.97 3.61 8.73
C ILE C 101 -24.17 4.92 9.49
N THR C 102 -23.08 5.65 9.75
CA THR C 102 -23.21 6.90 10.47
C THR C 102 -22.54 8.04 9.71
N CYS C 103 -21.26 7.90 9.36
CA CYS C 103 -20.57 8.97 8.66
C CYS C 103 -20.97 8.99 7.18
N THR C 104 -21.82 8.04 6.78
CA THR C 104 -22.40 7.95 5.45
C THR C 104 -21.29 8.05 4.39
N ASP C 105 -20.08 7.62 4.76
CA ASP C 105 -18.90 7.78 3.93
C ASP C 105 -18.21 6.42 3.75
N VAL C 106 -17.48 6.29 2.64
CA VAL C 106 -16.77 5.06 2.33
C VAL C 106 -15.36 5.16 2.91
N ARG C 107 -15.11 4.36 3.96
CA ARG C 107 -13.83 4.30 4.64
C ARG C 107 -13.37 2.85 4.74
N SER C 108 -12.07 2.67 5.01
CA SER C 108 -11.49 1.35 5.21
C SER C 108 -10.40 1.43 6.28
N PRO C 109 -10.35 0.49 7.27
CA PRO C 109 -11.28 -0.64 7.33
C PRO C 109 -12.57 -0.30 8.07
N VAL C 110 -13.48 -1.28 8.08
CA VAL C 110 -14.83 -1.09 8.61
C VAL C 110 -15.22 -2.33 9.42
N LEU C 111 -16.00 -2.10 10.48
CA LEU C 111 -16.52 -3.18 11.30
C LEU C 111 -17.89 -3.59 10.74
N VAL C 112 -18.13 -4.91 10.72
CA VAL C 112 -19.33 -5.51 10.15
C VAL C 112 -20.05 -6.28 11.26
N PHE C 113 -21.09 -5.67 11.84
CA PHE C 113 -21.90 -6.31 12.86
C PHE C 113 -22.46 -7.62 12.33
N GLN C 114 -22.53 -8.63 13.20
CA GLN C 114 -23.17 -9.89 12.86
C GLN C 114 -24.67 -9.79 13.15
N CYS C 115 -25.26 -8.68 12.70
CA CYS C 115 -26.70 -8.50 12.78
C CYS C 115 -27.36 -9.07 11.53
N ASN C 116 -28.69 -8.93 11.46
CA ASN C 116 -29.50 -9.53 10.41
C ASN C 116 -29.19 -8.90 9.05
N SER C 117 -28.66 -7.68 9.06
CA SER C 117 -28.47 -6.92 7.84
C SER C 117 -26.98 -6.68 7.56
N ARG C 118 -26.11 -7.33 8.36
CA ARG C 118 -24.66 -7.18 8.26
C ARG C 118 -24.31 -5.71 8.08
N HIS C 119 -24.69 -4.89 9.07
CA HIS C 119 -24.51 -3.46 9.02
C HIS C 119 -23.05 -3.09 9.26
N VAL C 120 -22.51 -2.28 8.35
CA VAL C 120 -21.10 -1.92 8.37
C VAL C 120 -20.96 -0.51 8.95
N ILE C 121 -19.82 -0.27 9.61
CA ILE C 121 -19.49 1.00 10.23
C ILE C 121 -17.97 1.20 10.14
N CYS C 122 -17.55 2.43 9.86
CA CYS C 122 -16.13 2.74 9.86
C CYS C 122 -15.63 2.83 11.30
N LEU C 123 -14.36 2.52 11.51
CA LEU C 123 -13.80 2.32 12.83
C LEU C 123 -13.89 3.60 13.66
N ASP C 124 -13.81 4.76 12.99
CA ASP C 124 -13.87 6.05 13.67
C ASP C 124 -15.23 6.22 14.33
N CYS C 125 -16.30 5.93 13.60
CA CYS C 125 -17.64 6.05 14.15
C CYS C 125 -17.87 4.97 15.20
N PHE C 126 -17.32 3.78 14.98
CA PHE C 126 -17.42 2.70 15.95
C PHE C 126 -16.76 3.11 17.26
N HIS C 127 -15.65 3.87 17.16
CA HIS C 127 -15.00 4.47 18.31
C HIS C 127 -15.99 5.40 19.02
N LEU C 128 -16.60 6.30 18.25
CA LEU C 128 -17.52 7.28 18.80
C LEU C 128 -18.71 6.57 19.45
N TYR C 129 -19.25 5.56 18.74
CA TYR C 129 -20.36 4.76 19.22
C TYR C 129 -20.03 4.16 20.57
N CYS C 130 -18.86 3.52 20.66
CA CYS C 130 -18.45 2.78 21.84
C CYS C 130 -18.16 3.73 22.99
N VAL C 131 -17.37 4.79 22.72
CA VAL C 131 -16.91 5.72 23.73
C VAL C 131 -18.12 6.36 24.41
N THR C 132 -19.04 6.90 23.61
CA THR C 132 -20.21 7.60 24.12
C THR C 132 -21.03 6.70 25.02
N ARG C 133 -21.29 5.47 24.54
CA ARG C 133 -22.15 4.51 25.23
C ARG C 133 -21.57 4.12 26.59
N LEU C 134 -20.24 3.97 26.64
CA LEU C 134 -19.57 3.55 27.85
C LEU C 134 -19.78 4.59 28.95
N ASN C 135 -19.59 5.86 28.58
CA ASN C 135 -19.51 6.95 29.55
C ASN C 135 -20.90 7.33 30.04
N ASP C 136 -21.91 7.19 29.17
CA ASP C 136 -23.28 7.36 29.59
C ASP C 136 -23.92 5.99 29.88
N ARG C 137 -23.05 5.02 30.24
CA ARG C 137 -23.40 3.73 30.83
C ARG C 137 -24.44 2.96 30.01
N GLN C 138 -24.55 3.27 28.73
CA GLN C 138 -25.56 2.64 27.87
C GLN C 138 -25.08 1.27 27.40
N PHE C 139 -23.98 0.79 28.00
CA PHE C 139 -23.47 -0.53 27.69
C PHE C 139 -24.38 -1.60 28.27
N VAL C 140 -24.67 -2.63 27.45
CA VAL C 140 -25.54 -3.74 27.80
C VAL C 140 -24.73 -4.75 28.61
N HIS C 141 -25.36 -5.34 29.63
CA HIS C 141 -24.76 -6.41 30.40
C HIS C 141 -25.57 -7.71 30.20
N ASP C 142 -25.08 -8.56 29.30
CA ASP C 142 -25.61 -9.90 29.13
C ASP C 142 -24.89 -10.83 30.11
N PRO C 143 -25.62 -11.56 30.99
CA PRO C 143 -24.98 -12.48 31.94
C PRO C 143 -24.09 -13.56 31.30
N GLN C 144 -24.38 -13.91 30.03
CA GLN C 144 -23.70 -15.01 29.37
C GLN C 144 -22.55 -14.51 28.48
N LEU C 145 -22.61 -13.22 28.10
CA LEU C 145 -21.66 -12.67 27.14
C LEU C 145 -20.81 -11.59 27.79
N GLY C 146 -21.45 -10.74 28.61
CA GLY C 146 -20.75 -9.69 29.34
C GLY C 146 -21.05 -8.31 28.79
N TYR C 147 -20.31 -7.31 29.29
CA TYR C 147 -20.43 -5.92 28.88
C TYR C 147 -20.14 -5.82 27.39
N SER C 148 -21.17 -5.45 26.62
CA SER C 148 -21.08 -5.40 25.16
C SER C 148 -22.00 -4.33 24.59
N LEU C 149 -22.03 -4.24 23.26
CA LEU C 149 -22.94 -3.37 22.52
C LEU C 149 -23.51 -4.14 21.34
N PRO C 150 -24.77 -3.87 20.93
CA PRO C 150 -25.33 -4.46 19.71
C PRO C 150 -24.97 -3.64 18.47
N CYS C 151 -25.70 -3.89 17.37
CA CYS C 151 -25.70 -3.02 16.21
C CYS C 151 -26.10 -1.62 16.64
N VAL C 152 -25.60 -0.60 15.94
CA VAL C 152 -25.89 0.79 16.26
C VAL C 152 -27.33 1.12 15.84
N ALA C 153 -27.93 0.23 15.03
CA ALA C 153 -29.28 0.40 14.54
C ALA C 153 -30.29 -0.23 15.52
N GLY C 154 -29.78 -1.00 16.48
CA GLY C 154 -30.61 -1.58 17.53
C GLY C 154 -31.05 -3.01 17.21
N CYS C 155 -30.56 -3.54 16.07
CA CYS C 155 -30.87 -4.87 15.59
C CYS C 155 -30.69 -5.89 16.70
N PRO C 156 -31.63 -6.85 16.89
CA PRO C 156 -31.46 -7.93 17.86
C PRO C 156 -30.59 -9.05 17.29
N ASN C 157 -30.01 -9.85 18.19
CA ASN C 157 -29.09 -10.91 17.82
C ASN C 157 -27.89 -10.29 17.11
N SER C 158 -27.33 -9.24 17.73
CA SER C 158 -26.29 -8.43 17.11
C SER C 158 -25.30 -7.91 18.14
N LEU C 159 -25.38 -8.44 19.37
CA LEU C 159 -24.41 -8.11 20.40
C LEU C 159 -23.05 -8.68 19.99
N ILE C 160 -22.03 -7.82 19.99
CA ILE C 160 -20.68 -8.22 19.65
C ILE C 160 -20.26 -9.30 20.65
N LYS C 161 -19.78 -10.44 20.13
CA LYS C 161 -19.49 -11.59 20.94
C LYS C 161 -18.04 -11.54 21.43
N GLU C 162 -17.10 -11.20 20.53
CA GLU C 162 -15.71 -11.02 20.90
C GLU C 162 -15.55 -9.65 21.56
N LEU C 163 -15.32 -9.66 22.89
CA LEU C 163 -15.36 -8.44 23.67
C LEU C 163 -14.08 -7.62 23.46
N HIS C 164 -13.09 -8.23 22.79
CA HIS C 164 -11.82 -7.58 22.53
C HIS C 164 -11.98 -6.48 21.49
N HIS C 165 -13.12 -6.49 20.79
CA HIS C 165 -13.37 -5.47 19.78
C HIS C 165 -13.40 -4.09 20.42
N PHE C 166 -13.72 -4.05 21.71
CA PHE C 166 -13.94 -2.79 22.41
C PHE C 166 -12.62 -2.11 22.72
N ARG C 167 -11.52 -2.64 22.19
CA ARG C 167 -10.21 -2.04 22.38
C ARG C 167 -10.12 -0.73 21.60
N ILE C 168 -11.06 -0.55 20.68
CA ILE C 168 -11.23 0.66 19.87
C ILE C 168 -11.39 1.86 20.80
N LEU C 169 -11.92 1.59 22.00
CA LEU C 169 -12.03 2.59 23.06
C LEU C 169 -10.69 3.29 23.28
N GLY C 170 -9.61 2.49 23.26
CA GLY C 170 -8.29 2.97 23.61
C GLY C 170 -7.93 2.55 25.04
N GLU C 171 -6.65 2.24 25.26
CA GLU C 171 -6.16 1.69 26.51
C GLU C 171 -6.96 2.20 27.70
N GLU C 172 -7.01 3.53 27.87
CA GLU C 172 -7.66 4.15 29.01
C GLU C 172 -9.12 3.71 29.08
N GLN C 173 -9.88 4.08 28.05
CA GLN C 173 -11.32 3.83 27.99
C GLN C 173 -11.60 2.33 28.09
N TYR C 174 -10.68 1.52 27.54
CA TYR C 174 -10.78 0.07 27.56
C TYR C 174 -10.67 -0.44 28.99
N ASN C 175 -9.86 0.27 29.80
CA ASN C 175 -9.67 -0.08 31.19
C ASN C 175 -10.92 0.29 31.98
N ARG C 176 -11.54 1.42 31.61
CA ARG C 176 -12.77 1.88 32.23
C ARG C 176 -13.90 0.92 31.89
N TYR C 177 -13.87 0.38 30.67
CA TYR C 177 -14.83 -0.61 30.22
C TYR C 177 -14.68 -1.89 31.03
N GLN C 178 -13.44 -2.25 31.35
CA GLN C 178 -13.14 -3.44 32.12
C GLN C 178 -13.64 -3.27 33.55
N GLN C 179 -13.48 -2.06 34.09
CA GLN C 179 -13.82 -1.73 35.46
C GLN C 179 -15.34 -1.59 35.60
N TYR C 180 -15.95 -0.81 34.68
CA TYR C 180 -17.38 -0.61 34.62
C TYR C 180 -18.10 -1.95 34.46
N GLY C 181 -17.58 -2.78 33.54
CA GLY C 181 -18.13 -4.09 33.25
C GLY C 181 -18.08 -5.02 34.45
N ALA C 182 -16.99 -4.94 35.21
CA ALA C 182 -16.79 -5.72 36.42
C ALA C 182 -17.86 -5.35 37.45
N GLU C 183 -18.05 -4.05 37.66
CA GLU C 183 -19.00 -3.50 38.62
C GLU C 183 -20.41 -4.00 38.31
N GLU C 184 -20.76 -4.02 37.02
CA GLU C 184 -22.12 -4.32 36.59
C GLU C 184 -22.36 -5.82 36.64
N CYS C 185 -21.47 -6.56 37.31
CA CYS C 185 -21.66 -7.98 37.55
C CYS C 185 -22.09 -8.20 39.00
N VAL C 186 -22.56 -7.12 39.63
CA VAL C 186 -23.13 -7.17 40.98
C VAL C 186 -24.48 -7.88 40.93
N LEU C 187 -24.72 -8.73 41.94
CA LEU C 187 -25.95 -9.51 42.01
C LEU C 187 -26.36 -9.65 43.48
N VAL C 255 -30.43 7.28 13.48
CA VAL C 255 -29.97 6.48 12.32
C VAL C 255 -31.00 6.63 11.18
N ASP C 256 -30.56 7.27 10.09
CA ASP C 256 -31.37 7.44 8.88
C ASP C 256 -31.58 6.06 8.24
N GLU C 257 -32.82 5.81 7.81
CA GLU C 257 -33.20 4.49 7.30
C GLU C 257 -32.49 4.20 5.98
N ARG C 258 -32.30 5.24 5.16
CA ARG C 258 -31.69 5.11 3.84
C ARG C 258 -30.23 4.66 3.99
N ALA C 259 -29.50 5.31 4.90
CA ALA C 259 -28.09 5.06 5.11
C ALA C 259 -27.87 3.62 5.60
N ALA C 260 -28.83 3.11 6.38
CA ALA C 260 -28.76 1.77 6.95
C ALA C 260 -28.88 0.71 5.87
N GLU C 261 -29.67 1.02 4.83
CA GLU C 261 -29.88 0.13 3.70
C GLU C 261 -28.62 0.13 2.84
N GLN C 262 -27.93 1.27 2.78
CA GLN C 262 -26.73 1.45 1.96
C GLN C 262 -25.51 0.92 2.69
N ALA C 263 -25.73 0.32 3.86
CA ALA C 263 -24.65 -0.14 4.72
C ALA C 263 -24.83 -1.61 5.08
N ARG C 264 -24.93 -2.46 4.06
CA ARG C 264 -25.00 -3.90 4.24
C ARG C 264 -23.82 -4.54 3.51
N TRP C 265 -23.32 -5.64 4.06
CA TRP C 265 -22.27 -6.41 3.40
C TRP C 265 -22.90 -7.60 2.66
N THR C 276 -17.54 -12.65 -12.26
CA THR C 276 -16.21 -12.08 -12.58
C THR C 276 -15.26 -13.21 -12.95
N THR C 277 -14.53 -13.03 -14.06
CA THR C 277 -13.52 -13.98 -14.48
C THR C 277 -12.15 -13.32 -14.50
N LYS C 278 -11.13 -14.11 -14.15
CA LYS C 278 -9.74 -13.68 -14.14
C LYS C 278 -8.89 -14.74 -14.82
N PRO C 279 -7.86 -14.34 -15.61
CA PRO C 279 -6.98 -15.31 -16.27
C PRO C 279 -5.90 -15.86 -15.34
N CYS C 280 -5.45 -17.08 -15.65
CA CYS C 280 -4.32 -17.69 -14.97
C CYS C 280 -3.03 -17.09 -15.54
N PRO C 281 -2.16 -16.50 -14.69
CA PRO C 281 -0.95 -15.81 -15.16
C PRO C 281 -0.10 -16.53 -16.21
N ARG C 282 0.03 -17.86 -16.11
CA ARG C 282 0.88 -18.58 -17.04
C ARG C 282 0.15 -18.82 -18.36
N CYS C 283 -1.00 -19.51 -18.29
CA CYS C 283 -1.66 -20.04 -19.46
C CYS C 283 -2.83 -19.16 -19.91
N HIS C 284 -3.15 -18.14 -19.12
CA HIS C 284 -4.08 -17.08 -19.48
C HIS C 284 -5.51 -17.61 -19.66
N VAL C 285 -5.79 -18.82 -19.14
CA VAL C 285 -7.12 -19.39 -19.24
C VAL C 285 -7.98 -18.81 -18.13
N PRO C 286 -9.08 -18.09 -18.47
CA PRO C 286 -9.99 -17.53 -17.47
C PRO C 286 -10.59 -18.58 -16.54
N VAL C 287 -10.79 -18.18 -15.27
CA VAL C 287 -11.48 -18.98 -14.28
C VAL C 287 -12.35 -18.07 -13.43
N GLU C 288 -13.18 -18.68 -12.59
CA GLU C 288 -14.02 -17.94 -11.65
C GLU C 288 -13.64 -18.35 -10.23
N LYS C 289 -13.84 -17.42 -9.28
CA LYS C 289 -13.42 -17.61 -7.90
C LYS C 289 -14.34 -18.63 -7.23
N ASN C 290 -13.72 -19.68 -6.68
CA ASN C 290 -14.42 -20.74 -5.96
C ASN C 290 -15.07 -20.17 -4.71
N GLY C 291 -14.26 -19.64 -3.79
CA GLY C 291 -14.74 -19.09 -2.54
C GLY C 291 -13.81 -17.99 -1.99
N GLY C 292 -13.92 -17.73 -0.68
CA GLY C 292 -13.20 -16.66 -0.01
C GLY C 292 -11.68 -16.80 -0.15
N CYS C 293 -11.21 -18.06 -0.23
CA CYS C 293 -9.80 -18.37 -0.35
C CYS C 293 -9.22 -17.74 -1.61
N MET C 294 -8.13 -16.99 -1.45
CA MET C 294 -7.51 -16.27 -2.55
C MET C 294 -6.52 -17.18 -3.28
N HIS C 295 -6.38 -18.43 -2.80
CA HIS C 295 -5.54 -19.43 -3.45
C HIS C 295 -6.26 -20.01 -4.65
N MET C 296 -5.71 -19.77 -5.84
CA MET C 296 -6.20 -20.39 -7.06
C MET C 296 -5.18 -21.42 -7.53
N LYS C 297 -5.68 -22.58 -7.97
CA LYS C 297 -4.87 -23.54 -8.68
C LYS C 297 -5.47 -23.77 -10.07
N CYS C 298 -4.60 -23.71 -11.09
CA CYS C 298 -5.00 -23.80 -12.48
C CYS C 298 -5.27 -25.26 -12.84
N PRO C 299 -6.49 -25.57 -13.35
CA PRO C 299 -6.84 -26.94 -13.74
C PRO C 299 -6.22 -27.44 -15.06
N GLN C 300 -5.53 -26.56 -15.78
CA GLN C 300 -4.93 -26.91 -17.05
C GLN C 300 -3.69 -27.79 -16.82
N PRO C 301 -3.56 -28.93 -17.53
CA PRO C 301 -2.58 -29.96 -17.18
C PRO C 301 -1.12 -29.61 -17.47
N GLN C 302 -0.90 -28.84 -18.55
CA GLN C 302 0.42 -28.38 -18.92
C GLN C 302 0.76 -27.09 -18.16
N CYS C 303 -0.17 -26.71 -17.26
CA CYS C 303 -0.02 -25.49 -16.48
C CYS C 303 0.08 -25.86 -15.00
N ARG C 304 -1.07 -25.96 -14.32
CA ARG C 304 -1.17 -26.35 -12.91
C ARG C 304 -0.38 -25.37 -12.03
N LEU C 305 -0.70 -24.08 -12.16
CA LEU C 305 -0.02 -23.03 -11.42
C LEU C 305 -0.89 -22.63 -10.23
N GLU C 306 -0.23 -22.43 -9.08
CA GLU C 306 -0.90 -21.89 -7.91
C GLU C 306 -0.68 -20.38 -7.88
N TRP C 307 -1.77 -19.63 -7.81
CA TRP C 307 -1.67 -18.18 -7.90
C TRP C 307 -2.64 -17.49 -6.95
N CYS C 308 -2.48 -16.17 -6.82
CA CYS C 308 -3.34 -15.35 -5.98
C CYS C 308 -4.39 -14.67 -6.84
N TRP C 309 -5.66 -14.74 -6.40
CA TRP C 309 -6.76 -14.07 -7.06
C TRP C 309 -6.51 -12.56 -7.10
N ASN C 310 -6.24 -12.01 -5.91
CA ASN C 310 -6.08 -10.58 -5.70
C ASN C 310 -4.88 -10.04 -6.46
N CYS C 311 -3.73 -10.73 -6.34
CA CYS C 311 -2.47 -10.20 -6.85
C CYS C 311 -2.25 -10.61 -8.30
N GLY C 312 -2.68 -11.82 -8.66
CA GLY C 312 -2.38 -12.38 -9.97
C GLY C 312 -0.93 -12.84 -10.06
N CYS C 313 -0.33 -13.09 -8.88
CA CYS C 313 1.05 -13.49 -8.75
C CYS C 313 1.10 -14.98 -8.38
N GLU C 314 2.25 -15.61 -8.58
CA GLU C 314 2.46 -16.98 -8.17
C GLU C 314 2.34 -17.06 -6.66
N TRP C 315 1.47 -17.95 -6.18
CA TRP C 315 1.14 -18.06 -4.76
C TRP C 315 2.41 -18.03 -3.92
N ASN C 316 2.45 -17.10 -2.97
CA ASN C 316 3.63 -16.91 -2.14
C ASN C 316 3.20 -16.72 -0.68
N ARG C 317 4.19 -16.73 0.22
CA ARG C 317 3.97 -16.69 1.66
C ARG C 317 3.31 -15.37 2.07
N VAL C 318 3.66 -14.29 1.36
CA VAL C 318 3.15 -12.96 1.64
C VAL C 318 1.63 -12.98 1.50
N CYS C 319 1.15 -13.60 0.41
CA CYS C 319 -0.25 -13.67 0.06
C CYS C 319 -1.04 -14.45 1.11
N MET C 320 -0.41 -15.48 1.69
CA MET C 320 -1.04 -16.29 2.72
C MET C 320 -1.17 -15.49 4.01
N GLY C 321 -0.14 -14.68 4.28
CA GLY C 321 -0.05 -13.91 5.51
C GLY C 321 -1.06 -12.76 5.56
N ASP C 322 -1.19 -12.05 4.43
CA ASP C 322 -1.95 -10.81 4.40
C ASP C 322 -3.40 -11.07 4.04
N HIS C 323 -3.64 -12.02 3.12
CA HIS C 323 -4.97 -12.22 2.56
C HIS C 323 -5.15 -13.63 1.99
N TRP C 324 -4.98 -14.66 2.84
CA TRP C 324 -5.18 -16.04 2.43
C TRP C 324 -6.64 -16.25 2.00
N PHE C 325 -7.56 -15.62 2.75
CA PHE C 325 -8.96 -15.54 2.36
C PHE C 325 -9.43 -14.10 2.53
N ASP C 326 -10.67 -13.82 2.09
CA ASP C 326 -11.30 -12.52 2.27
C ASP C 326 -12.81 -12.68 2.29
N VAL C 327 -13.46 -11.86 3.12
CA VAL C 327 -14.91 -11.83 3.27
C VAL C 327 -15.46 -10.58 2.55
N MET D 1 3.41 -16.48 30.53
CA MET D 1 3.06 -15.04 30.33
C MET D 1 2.51 -14.47 31.63
N GLN D 2 2.43 -13.12 31.69
CA GLN D 2 1.95 -12.42 32.87
C GLN D 2 0.52 -11.93 32.64
N ILE D 3 -0.31 -12.07 33.68
CA ILE D 3 -1.60 -11.41 33.76
C ILE D 3 -1.64 -10.58 35.04
N PHE D 4 -2.68 -9.76 35.19
CA PHE D 4 -2.87 -9.01 36.42
C PHE D 4 -4.26 -9.34 36.98
N VAL D 5 -4.34 -9.45 38.31
CA VAL D 5 -5.60 -9.63 39.01
C VAL D 5 -5.84 -8.39 39.84
N LYS D 6 -6.96 -7.72 39.56
CA LYS D 6 -7.31 -6.47 40.19
C LYS D 6 -8.55 -6.67 41.06
N THR D 7 -8.70 -5.80 42.06
CA THR D 7 -9.94 -5.67 42.81
C THR D 7 -10.56 -4.32 42.45
N LEU D 8 -11.84 -4.14 42.81
CA LEU D 8 -12.50 -2.88 42.56
C LEU D 8 -11.87 -1.78 43.41
N THR D 9 -11.22 -2.20 44.51
CA THR D 9 -10.45 -1.33 45.37
C THR D 9 -9.20 -0.83 44.64
N GLY D 10 -8.59 -1.71 43.84
CA GLY D 10 -7.47 -1.34 42.99
C GLY D 10 -6.19 -2.07 43.37
N LYS D 11 -6.31 -3.13 44.17
CA LYS D 11 -5.19 -3.97 44.54
C LYS D 11 -4.84 -4.88 43.37
N THR D 12 -3.68 -4.63 42.76
CA THR D 12 -3.24 -5.37 41.58
C THR D 12 -2.20 -6.41 41.98
N ILE D 13 -2.41 -7.65 41.53
CA ILE D 13 -1.58 -8.78 41.88
C ILE D 13 -1.06 -9.41 40.59
N THR D 14 0.26 -9.30 40.37
CA THR D 14 0.88 -9.94 39.23
C THR D 14 0.86 -11.45 39.43
N LEU D 15 0.49 -12.18 38.38
CA LEU D 15 0.53 -13.63 38.38
C LEU D 15 1.17 -14.12 37.08
N GLU D 16 1.87 -15.27 37.18
CA GLU D 16 2.49 -15.91 36.04
C GLU D 16 1.65 -17.11 35.63
N VAL D 17 1.24 -17.13 34.36
CA VAL D 17 0.32 -18.15 33.85
C VAL D 17 0.70 -18.53 32.43
N GLU D 18 -0.09 -19.45 31.85
CA GLU D 18 -0.02 -19.84 30.45
C GLU D 18 -1.43 -19.80 29.87
N PRO D 19 -1.60 -19.54 28.55
CA PRO D 19 -2.93 -19.44 27.95
C PRO D 19 -3.77 -20.70 28.13
N SER D 20 -3.10 -21.83 28.34
CA SER D 20 -3.75 -23.13 28.46
C SER D 20 -4.10 -23.44 29.90
N ASP D 21 -3.91 -22.47 30.80
CA ASP D 21 -4.32 -22.58 32.19
C ASP D 21 -5.81 -22.25 32.30
N THR D 22 -6.53 -23.04 33.12
CA THR D 22 -7.95 -22.86 33.34
C THR D 22 -8.17 -21.79 34.41
N ILE D 23 -9.42 -21.33 34.53
CA ILE D 23 -9.80 -20.30 35.49
C ILE D 23 -9.65 -20.84 36.91
N GLU D 24 -9.93 -22.13 37.07
CA GLU D 24 -9.73 -22.84 38.33
C GLU D 24 -8.26 -22.80 38.72
N ASN D 25 -7.38 -22.89 37.72
CA ASN D 25 -5.93 -22.90 37.91
C ASN D 25 -5.46 -21.54 38.41
N VAL D 26 -6.13 -20.48 37.95
CA VAL D 26 -5.79 -19.11 38.30
C VAL D 26 -6.10 -18.87 39.77
N LYS D 27 -7.28 -19.33 40.20
CA LYS D 27 -7.77 -19.16 41.57
C LYS D 27 -6.86 -19.90 42.54
N ALA D 28 -6.17 -20.92 42.05
CA ALA D 28 -5.22 -21.69 42.84
C ALA D 28 -3.95 -20.87 43.07
N LYS D 29 -3.57 -20.07 42.06
CA LYS D 29 -2.36 -19.27 42.11
C LYS D 29 -2.56 -18.04 43.00
N ILE D 30 -3.82 -17.62 43.15
CA ILE D 30 -4.17 -16.50 44.02
C ILE D 30 -4.12 -16.98 45.47
N GLN D 31 -4.41 -18.27 45.68
CA GLN D 31 -4.34 -18.92 46.97
C GLN D 31 -2.88 -19.10 47.37
N ASP D 32 -2.01 -19.21 46.36
CA ASP D 32 -0.57 -19.30 46.56
C ASP D 32 -0.01 -17.91 46.92
N LYS D 33 -0.76 -16.87 46.53
CA LYS D 33 -0.32 -15.49 46.75
C LYS D 33 -0.84 -14.97 48.09
N GLU D 34 -2.15 -15.05 48.32
CA GLU D 34 -2.74 -14.49 49.54
C GLU D 34 -3.78 -15.42 50.16
N GLY D 35 -3.67 -16.73 49.86
CA GLY D 35 -4.45 -17.77 50.52
C GLY D 35 -5.94 -17.45 50.57
N ILE D 36 -6.61 -17.60 49.43
CA ILE D 36 -8.05 -17.38 49.34
C ILE D 36 -8.68 -18.59 48.66
N PRO D 37 -9.81 -19.13 49.19
CA PRO D 37 -10.41 -20.35 48.63
C PRO D 37 -10.99 -20.15 47.24
N PRO D 38 -10.77 -21.10 46.30
CA PRO D 38 -11.38 -21.04 44.97
C PRO D 38 -12.90 -20.85 45.10
N ASP D 39 -13.41 -21.17 46.29
CA ASP D 39 -14.81 -21.03 46.64
C ASP D 39 -15.04 -19.64 47.21
N GLN D 41 -14.08 -16.34 45.98
CA GLN D 41 -13.31 -15.97 44.77
C GLN D 41 -14.20 -16.08 43.53
N ARG D 42 -14.37 -14.96 42.82
CA ARG D 42 -15.03 -14.91 41.54
C ARG D 42 -14.20 -14.06 40.59
N LEU D 43 -13.89 -14.61 39.41
CA LEU D 43 -13.07 -13.93 38.42
C LEU D 43 -13.95 -13.42 37.27
N ILE D 44 -13.79 -12.12 36.98
CA ILE D 44 -14.58 -11.43 35.97
C ILE D 44 -13.64 -10.84 34.92
N PHE D 45 -13.97 -11.07 33.65
CA PHE D 45 -13.29 -10.39 32.55
C PHE D 45 -14.32 -9.74 31.61
N ALA D 46 -14.29 -8.41 31.60
CA ALA D 46 -15.13 -7.58 30.74
C ALA D 46 -16.62 -7.86 30.99
N GLY D 47 -16.96 -8.02 32.28
CA GLY D 47 -18.34 -8.22 32.69
C GLY D 47 -18.72 -9.69 32.84
N LYS D 48 -18.00 -10.56 32.11
CA LYS D 48 -18.31 -11.98 32.07
C LYS D 48 -17.67 -12.69 33.26
N GLN D 49 -18.52 -13.32 34.09
CA GLN D 49 -18.05 -14.18 35.16
C GLN D 49 -17.42 -15.43 34.53
N LEU D 50 -16.11 -15.56 34.70
CA LEU D 50 -15.32 -16.60 34.04
C LEU D 50 -15.54 -17.93 34.76
N GLU D 51 -16.08 -18.92 34.03
CA GLU D 51 -16.32 -20.25 34.59
C GLU D 51 -14.98 -21.00 34.67
N ASP D 52 -14.85 -21.80 35.74
CA ASP D 52 -13.60 -22.44 36.12
C ASP D 52 -13.14 -23.44 35.06
N GLY D 53 -14.11 -23.99 34.32
CA GLY D 53 -13.85 -25.02 33.34
C GLY D 53 -13.05 -24.51 32.14
N ARG D 54 -13.36 -23.29 31.69
CA ARG D 54 -12.75 -22.70 30.51
C ARG D 54 -11.33 -22.24 30.83
N THR D 55 -10.52 -22.08 29.78
CA THR D 55 -9.14 -21.63 29.89
C THR D 55 -9.04 -20.15 29.56
N LEU D 56 -7.81 -19.61 29.58
CA LEU D 56 -7.57 -18.20 29.35
C LEU D 56 -7.68 -17.88 27.85
N SER D 57 -7.21 -18.81 27.01
CA SER D 57 -7.27 -18.65 25.57
C SER D 57 -8.72 -18.84 25.08
N ASP D 58 -9.53 -19.49 25.92
CA ASP D 58 -10.95 -19.67 25.65
C ASP D 58 -11.69 -18.36 25.85
N TYR D 59 -11.06 -17.43 26.56
CA TYR D 59 -11.59 -16.09 26.74
C TYR D 59 -10.72 -15.09 25.98
N ASN D 60 -9.76 -15.61 25.21
CA ASN D 60 -8.85 -14.83 24.39
C ASN D 60 -8.09 -13.83 25.25
N ILE D 61 -8.04 -14.08 26.56
CA ILE D 61 -7.33 -13.22 27.49
C ILE D 61 -5.86 -13.18 27.07
N GLN D 62 -5.40 -11.98 26.70
CA GLN D 62 -4.07 -11.79 26.15
C GLN D 62 -3.06 -11.60 27.28
N LYS D 63 -1.78 -11.59 26.91
CA LYS D 63 -0.68 -11.30 27.82
C LYS D 63 -0.80 -9.86 28.30
N GLU D 64 -0.76 -9.69 29.63
CA GLU D 64 -0.74 -8.40 30.30
C GLU D 64 -2.16 -7.90 30.56
N SEP D 65 -3.16 -8.69 30.13
CA SEP D 65 -4.56 -8.33 30.33
CB SEP D 65 -5.46 -9.08 29.36
OG SEP D 65 -5.15 -8.63 28.01
C SEP D 65 -4.95 -8.54 31.79
O SEP D 65 -4.46 -9.48 32.44
P SEP D 65 -6.36 -8.34 26.96
O1P SEP D 65 -7.33 -7.42 27.68
O2P SEP D 65 -5.73 -7.68 25.76
O3P SEP D 65 -6.96 -9.69 26.63
N THR D 66 -5.81 -7.66 32.32
CA THR D 66 -6.10 -7.58 33.74
C THR D 66 -7.48 -8.18 34.03
N LEU D 67 -7.51 -9.18 34.92
CA LEU D 67 -8.74 -9.79 35.41
C LEU D 67 -9.21 -9.05 36.65
N HIS D 68 -10.50 -9.22 36.98
CA HIS D 68 -11.10 -8.62 38.16
C HIS D 68 -11.51 -9.71 39.15
N LEU D 69 -11.32 -9.44 40.44
CA LEU D 69 -11.59 -10.41 41.49
C LEU D 69 -12.57 -9.84 42.52
N VAL D 70 -13.60 -10.64 42.83
CA VAL D 70 -14.53 -10.36 43.90
C VAL D 70 -14.69 -11.62 44.74
N LEU D 71 -14.63 -11.45 46.06
CA LEU D 71 -14.68 -12.56 46.99
C LEU D 71 -16.13 -12.91 47.29
N ARG D 72 -16.49 -14.18 47.05
CA ARG D 72 -17.83 -14.68 47.31
C ARG D 72 -18.06 -14.66 48.81
N LEU D 73 -19.13 -13.95 49.22
CA LEU D 73 -19.37 -13.55 50.60
C LEU D 73 -19.66 -14.79 51.47
ZN ZN E . -9.11 18.40 -15.85
ZN ZN F . 8.77 8.54 -54.66
ZN ZN G . 2.19 10.19 10.98
ZN ZN H . 26.96 16.48 4.13
ZN ZN I . -12.07 4.59 -12.10
ZN ZN J . 16.47 -0.20 -42.27
ZN ZN K . 1.57 20.09 23.98
ZN ZN L . 7.87 -3.05 -3.74
S SO4 M . 11.16 -3.15 -17.12
O1 SO4 M . 12.08 -2.04 -17.11
O2 SO4 M . 10.65 -3.35 -15.79
O3 SO4 M . 10.06 -2.87 -18.01
O4 SO4 M . 11.84 -4.34 -17.56
S SO4 N . 15.22 1.56 4.36
O1 SO4 N . 16.44 0.81 4.18
O2 SO4 N . 14.78 1.46 5.72
O3 SO4 N . 15.47 2.94 4.03
O4 SO4 N . 14.20 1.03 3.49
S SO4 O . -6.61 9.03 17.38
O1 SO4 O . -5.55 9.99 17.59
O2 SO4 O . -7.04 8.53 18.65
O3 SO4 O . -6.11 7.95 16.58
O4 SO4 O . -7.71 9.66 16.71
S SO4 P . 25.62 8.28 -8.57
O1 SO4 P . 26.40 9.08 -7.67
O2 SO4 P . 25.00 7.20 -7.83
O3 SO4 P . 24.61 9.09 -9.18
O4 SO4 P . 26.47 7.72 -9.59
S SO4 Q . 1.86 24.39 1.26
O1 SO4 Q . 2.29 25.09 2.44
O2 SO4 Q . 1.66 23.00 1.57
O3 SO4 Q . 2.86 24.51 0.24
O4 SO4 Q . 0.62 24.96 0.79
S SO4 R . -9.40 25.98 -17.59
O1 SO4 R . -7.98 26.21 -17.50
O2 SO4 R . -9.86 25.33 -16.39
O3 SO4 R . -10.07 27.24 -17.75
O4 SO4 R . -9.67 25.14 -18.73
S SO4 S . 8.40 22.33 10.29
O1 SO4 S . 9.67 22.87 10.70
O2 SO4 S . 7.73 21.75 11.42
O3 SO4 S . 7.58 23.37 9.74
O4 SO4 S . 8.62 21.31 9.29
ZN ZN T . 2.19 -3.75 16.29
ZN ZN U . 2.58 -32.51 13.48
ZN ZN V . -2.74 -21.90 -16.02
ZN ZN W . -27.80 -3.94 12.06
ZN ZN X . -2.00 -11.90 -3.00
ZN ZN Y . -18.19 6.07 10.00
S SO4 Z . -5.47 -4.22 -4.69
O1 SO4 Z . -5.14 -2.82 -4.74
O2 SO4 Z . -4.80 -4.83 -3.57
O3 SO4 Z . -5.04 -4.86 -5.90
O4 SO4 Z . -6.90 -4.38 -4.53
S SO4 AA . -7.41 -24.31 -2.22
O1 SO4 AA . -6.40 -23.80 -1.34
O2 SO4 AA . -8.61 -24.56 -1.48
O3 SO4 AA . -6.95 -25.54 -2.83
O4 SO4 AA . -7.68 -23.34 -3.25
#